data_8JXS
#
_entry.id   8JXS
#
loop_
_entity.id
_entity.type
_entity.pdbx_description
1 polymer 'D(1A) dopamine receptor'
2 polymer NBA3
3 polymer 'Maltose/maltodextrin-binding periplasmic protein,Immunoglobulin G-binding protein A,Immunoglobulin G-binding protein G'
4 polymer 'Fab 8D3 heavy chain'
5 polymer 'Fab 8D3 light chain'
6 non-polymer 4-[3-methyl-4-(6-methylimidazo[1,2-a]pyrazin-5-yl)phenoxy]furo[3,2-c]pyridine
#
loop_
_entity_poly.entity_id
_entity_poly.type
_entity_poly.pdbx_seq_one_letter_code
_entity_poly.pdbx_strand_id
1 'polypeptide(L)'
;GTGLVVERDFSVRILTACFLSLLILSTLLGNTLVCAAVIRFRHLRSKVTNFFVISLAVSDLLVAVLVMPWKAVAEIAGFW
PFGSFCNIWVAFDIMCSTASIWNLCVISVDRYWAISSPFRYERKMTPKAAFILISVAWTLSVLISFIPVQLSWHKAKPTS
PSDGNATSLAETIDNCDSSLSRTYAISSSVISFYIPVAIMIVTYTRIYRIAQKQIRRIAALERAAVHAKNCQTTTGNGKP
VECSQPESSFKMSFKRETKVLKTLSVIMGVFVCCWLPFFILNCILPFCGSGETQPFCIDSNTFDVFVWFGWANSALNPII
YAFNADFRKAFSTLLGCYRLCPATNNAIETVS
;
A
2 'polypeptide(L)'
;QVQLQESGGGLVQAGGSLRLSCAASGSIFALNIMGWYRQAPGKQRELVAAIHSGGTTNYANSVKGRFTISRDNAANTVYL
QMNSLKPEDTAVYYCNVKDFGAIVADRDYWGQGTQVTVSSLEHHH
;
B
3 'polypeptide(L)'
;MGSSHHHHHHSSGLVPRGSHMKIEEGKLVIWINGDKGYNGLAEVGKKFEKDTGIKVTVEHPDKLEEKFPQVAATGDGPDI
IFWAHDRFGGYAQSGLLAEITPDKAFQDKLYPFTWDAVRYNGKLIAYPIAVEALSLIYNKDLLPNPPKTWEEIPALDKEL
KAKGKSALMFNLQEPYFTWPLIAADGGYAFKYENGKYDIKDVGVDNAGAKAGLTFLVDLIKNKHMNADTDYSIAEAAFNK
GETAMTINGPWAWSNIDTSKVNYGVTVLPTFKGQPSKPFVGVLSAGINAASPNKELAKEFLENYLLTDEGLEAVNKDKPL
GAVALKSYEEELAKDPRIAATMENAQKGEIMPNIPQMSAFWYAVRTAVINAASGRQTVDQALAFAQILIMPNLTEEQRNG
FIQSLKDDPSVSKEILAEAKKLNEHQAPKGGSGGAGSGDQQSAFYEILNMPNLNEAQRNGFIQSLKDDPSQSTNVLGEAK
KLNESQAGGGSGGGSGGSAVTTYKLVINGKTLKGETTTKAVDAETAEKAFKQYANDNGVDGVWTYDDATKTFTVTEGSG
;
C
4 'polypeptide(L)'
;MDWTWRVFCLLAVAPGAHSDVQLVESGGGLVQPGKSLRLSCAASGFTFSNFGMHWVRQAPEMGLEWVAYISSGSTTKYYG
DTVKGRFTISRDNPKNTLYLQMNSLRSEDTAMYYCARRPLYDGDYGYPMDYWGQGTSVTVSSASTKGPSVFPLAPSSKST
SGGTAALGCLVKDYFPEPVTVSWNSGALTSGVHTFPAVLQSSGLYSLSSVVTVPSSSLGTQTYICNVNHKPSNTKVDKKV
EPKSCGSHHHHHH
;
H
5 'polypeptide(L)'
;MVLQTQVFISLLLWISGAYGNIMLTQSPSSLAVSAGERVTMSCKSTQSILYNSNQKTYLAWYQQKPGQSPKLLIYWASTR
ASGVPDRFTGSGSGTDFTLTINSVQPEDLAVYYCHQYLSAWTFGGGTKLEIKRTVAAPSVFIFPPSDEQLKSGTASVVCL
LNNFYPREAKVQWKVDNALQSGNSQESVTEQDSKDSTYSLSSTLTLSKADYEKHKVYACEVTHQGLSSPVTKSFNRGEC
;
L
#
loop_
_chem_comp.id
_chem_comp.type
_chem_comp.name
_chem_comp.formula
V6X non-polymer 4-[3-methyl-4-(6-methylimidazo[1,2-a]pyrazin-5-yl)phenoxy]furo[3,2-c]pyridine 'C21 H16 N4 O2'
#
# COMPACT_ATOMS: atom_id res chain seq x y z
N VAL A 12 -70.05 0.59 10.23
CA VAL A 12 -68.80 1.40 10.15
C VAL A 12 -67.68 0.70 10.91
N ARG A 13 -68.04 -0.13 11.89
CA ARG A 13 -67.04 -0.84 12.67
C ARG A 13 -66.32 -1.88 11.81
N ILE A 14 -67.05 -2.54 10.92
CA ILE A 14 -66.42 -3.54 10.06
C ILE A 14 -65.40 -2.90 9.14
N LEU A 15 -65.70 -1.70 8.65
CA LEU A 15 -64.75 -1.00 7.78
C LEU A 15 -63.48 -0.63 8.54
N THR A 16 -63.63 -0.12 9.77
CA THR A 16 -62.46 0.20 10.57
C THR A 16 -61.64 -1.04 10.88
N ALA A 17 -62.31 -2.14 11.20
CA ALA A 17 -61.59 -3.39 11.47
C ALA A 17 -60.83 -3.86 10.23
N CYS A 18 -61.46 -3.78 9.06
CA CYS A 18 -60.78 -4.18 7.82
C CYS A 18 -59.59 -3.29 7.54
N PHE A 19 -59.73 -1.97 7.76
CA PHE A 19 -58.61 -1.06 7.54
C PHE A 19 -57.46 -1.37 8.49
N LEU A 20 -57.76 -1.61 9.77
CA LEU A 20 -56.70 -1.93 10.72
C LEU A 20 -56.02 -3.24 10.37
N SER A 21 -56.80 -4.25 9.96
CA SER A 21 -56.20 -5.52 9.57
C SER A 21 -55.30 -5.35 8.35
N LEU A 22 -55.75 -4.58 7.36
CA LEU A 22 -54.93 -4.35 6.17
C LEU A 22 -53.65 -3.62 6.54
N LEU A 23 -53.74 -2.63 7.44
CA LEU A 23 -52.54 -1.91 7.86
C LEU A 23 -51.56 -2.84 8.57
N ILE A 24 -52.07 -3.68 9.47
CA ILE A 24 -51.20 -4.60 10.20
C ILE A 24 -50.55 -5.58 9.24
N LEU A 25 -51.32 -6.10 8.27
CA LEU A 25 -50.75 -7.04 7.31
C LEU A 25 -49.69 -6.38 6.44
N SER A 26 -49.94 -5.15 6.00
CA SER A 26 -48.94 -4.44 5.20
C SER A 26 -47.67 -4.19 6.01
N THR A 27 -47.82 -3.79 7.28
CA THR A 27 -46.66 -3.57 8.13
C THR A 27 -45.85 -4.86 8.28
N LEU A 28 -46.54 -5.96 8.58
CA LEU A 28 -45.85 -7.23 8.76
C LEU A 28 -45.13 -7.66 7.47
N LEU A 29 -45.81 -7.50 6.33
CA LEU A 29 -45.19 -7.87 5.06
C LEU A 29 -43.96 -7.03 4.78
N GLY A 30 -44.05 -5.71 5.00
CA GLY A 30 -42.89 -4.86 4.78
C GLY A 30 -41.73 -5.23 5.67
N ASN A 31 -42.02 -5.45 6.96
CA ASN A 31 -40.95 -5.81 7.90
C ASN A 31 -40.30 -7.13 7.52
N THR A 32 -41.12 -8.11 7.14
CA THR A 32 -40.58 -9.41 6.76
C THR A 32 -39.72 -9.29 5.50
N LEU A 33 -40.19 -8.53 4.51
CA LEU A 33 -39.41 -8.35 3.29
C LEU A 33 -38.08 -7.66 3.58
N VAL A 34 -38.10 -6.62 4.42
CA VAL A 34 -36.86 -5.93 4.76
C VAL A 34 -35.90 -6.88 5.47
N CYS A 35 -36.40 -7.60 6.47
CA CYS A 35 -35.54 -8.53 7.21
C CYS A 35 -34.96 -9.59 6.29
N ALA A 36 -35.76 -10.09 5.35
CA ALA A 36 -35.27 -11.11 4.43
C ALA A 36 -34.20 -10.54 3.50
N ALA A 37 -34.46 -9.38 2.92
CA ALA A 37 -33.48 -8.75 2.03
C ALA A 37 -32.18 -8.48 2.78
N VAL A 38 -32.27 -8.21 4.09
CA VAL A 38 -31.08 -7.92 4.87
C VAL A 38 -30.30 -9.20 5.16
N ILE A 39 -30.96 -10.19 5.77
CA ILE A 39 -30.26 -11.37 6.24
C ILE A 39 -29.89 -12.31 5.09
N ARG A 40 -30.51 -12.17 3.92
CA ARG A 40 -30.24 -13.09 2.82
C ARG A 40 -28.97 -12.72 2.09
N PHE A 41 -28.89 -11.50 1.56
CA PHE A 41 -27.74 -11.04 0.80
C PHE A 41 -26.67 -10.48 1.73
N ARG A 42 -25.45 -10.45 1.22
CA ARG A 42 -24.30 -9.97 1.99
C ARG A 42 -23.87 -8.56 1.58
N HIS A 43 -24.18 -8.13 0.37
CA HIS A 43 -23.82 -6.79 -0.06
C HIS A 43 -24.60 -5.71 0.68
N LEU A 44 -25.77 -6.05 1.21
CA LEU A 44 -26.58 -5.08 1.96
C LEU A 44 -26.23 -5.04 3.43
N ARG A 45 -25.52 -6.04 3.94
CA ARG A 45 -25.10 -6.06 5.34
C ARG A 45 -23.69 -5.52 5.54
N SER A 46 -22.93 -5.33 4.46
CA SER A 46 -21.58 -4.81 4.59
C SER A 46 -21.57 -3.39 5.14
N LYS A 47 -22.56 -2.58 4.75
CA LYS A 47 -22.65 -1.21 5.24
C LYS A 47 -23.02 -1.20 6.72
N VAL A 48 -22.35 -0.35 7.49
CA VAL A 48 -22.63 -0.27 8.92
C VAL A 48 -23.97 0.41 9.18
N THR A 49 -24.32 1.43 8.39
CA THR A 49 -25.56 2.14 8.61
C THR A 49 -26.77 1.21 8.55
N ASN A 50 -26.72 0.20 7.68
CA ASN A 50 -27.84 -0.74 7.58
C ASN A 50 -28.11 -1.44 8.91
N PHE A 51 -27.10 -1.59 9.77
CA PHE A 51 -27.34 -2.20 11.07
C PHE A 51 -28.43 -1.46 11.84
N PHE A 52 -28.56 -0.14 11.61
CA PHE A 52 -29.65 0.61 12.22
C PHE A 52 -30.96 0.36 11.50
N VAL A 53 -30.93 0.31 10.17
CA VAL A 53 -32.16 0.12 9.40
C VAL A 53 -32.91 -1.11 9.90
N ILE A 54 -32.25 -2.27 9.90
CA ILE A 54 -32.89 -3.47 10.43
C ILE A 54 -33.32 -3.26 11.87
N SER A 55 -32.46 -2.62 12.69
CA SER A 55 -32.83 -2.36 14.07
C SER A 55 -34.14 -1.60 14.15
N LEU A 56 -34.41 -0.74 13.18
CA LEU A 56 -35.71 -0.08 13.11
C LEU A 56 -36.79 -1.05 12.66
N ALA A 57 -36.55 -1.76 11.54
CA ALA A 57 -37.53 -2.70 11.04
C ALA A 57 -37.98 -3.67 12.13
N VAL A 58 -37.03 -4.32 12.79
CA VAL A 58 -37.35 -5.21 13.89
C VAL A 58 -38.30 -4.51 14.86
N SER A 59 -37.95 -3.31 15.31
CA SER A 59 -38.85 -2.57 16.19
C SER A 59 -40.23 -2.47 15.59
N ASP A 60 -40.32 -1.98 14.35
CA ASP A 60 -41.62 -1.91 13.68
C ASP A 60 -42.34 -3.24 13.70
N LEU A 61 -41.60 -4.33 13.45
CA LEU A 61 -42.22 -5.65 13.48
C LEU A 61 -42.92 -5.88 14.82
N LEU A 62 -42.23 -5.59 15.92
CA LEU A 62 -42.85 -5.75 17.23
C LEU A 62 -44.12 -4.92 17.34
N VAL A 63 -44.10 -3.70 16.81
CA VAL A 63 -45.29 -2.86 16.83
C VAL A 63 -46.44 -3.57 16.12
N ALA A 64 -46.14 -4.22 14.99
CA ALA A 64 -47.18 -4.92 14.24
C ALA A 64 -47.55 -6.25 14.85
N VAL A 65 -46.87 -6.67 15.92
CA VAL A 65 -47.11 -7.97 16.53
C VAL A 65 -47.69 -7.80 17.93
N LEU A 66 -46.96 -7.12 18.81
CA LEU A 66 -47.33 -7.03 20.22
C LEU A 66 -47.97 -5.71 20.60
N VAL A 67 -48.25 -4.82 19.64
CA VAL A 67 -48.85 -3.53 19.94
C VAL A 67 -50.15 -3.35 19.17
N MET A 68 -50.07 -3.41 17.84
CA MET A 68 -51.21 -3.06 17.00
C MET A 68 -52.32 -4.11 17.07
N PRO A 69 -52.04 -5.41 16.97
CA PRO A 69 -53.14 -6.39 16.96
C PRO A 69 -53.97 -6.38 18.24
N TRP A 70 -53.32 -6.26 19.40
CA TRP A 70 -54.06 -6.27 20.66
C TRP A 70 -55.00 -5.08 20.76
N LYS A 71 -54.50 -3.87 20.47
CA LYS A 71 -55.36 -2.70 20.51
C LYS A 71 -56.46 -2.77 19.47
N ALA A 72 -56.16 -3.35 18.30
CA ALA A 72 -57.17 -3.49 17.26
C ALA A 72 -58.31 -4.39 17.73
N VAL A 73 -57.98 -5.56 18.27
CA VAL A 73 -59.01 -6.47 18.74
C VAL A 73 -59.76 -5.87 19.94
N ALA A 74 -59.07 -5.08 20.76
CA ALA A 74 -59.74 -4.44 21.89
C ALA A 74 -60.75 -3.41 21.41
N GLU A 75 -60.38 -2.59 20.42
CA GLU A 75 -61.31 -1.62 19.88
C GLU A 75 -62.46 -2.30 19.14
N ILE A 76 -62.20 -3.44 18.50
CA ILE A 76 -63.26 -4.18 17.84
C ILE A 76 -64.26 -4.72 18.87
N ALA A 77 -63.74 -5.30 19.96
CA ALA A 77 -64.61 -5.82 21.00
C ALA A 77 -65.26 -4.71 21.82
N GLY A 78 -64.67 -3.52 21.83
CA GLY A 78 -65.22 -2.40 22.59
C GLY A 78 -64.70 -2.26 24.00
N PHE A 79 -63.90 -3.21 24.47
CA PHE A 79 -63.35 -3.16 25.83
C PHE A 79 -62.01 -3.92 25.82
N TRP A 80 -61.49 -4.19 27.01
CA TRP A 80 -60.21 -4.86 27.19
C TRP A 80 -60.43 -6.22 27.82
N PRO A 81 -60.58 -7.29 27.02
CA PRO A 81 -60.82 -8.61 27.63
C PRO A 81 -59.60 -9.20 28.31
N PHE A 82 -58.40 -8.84 27.87
CA PHE A 82 -57.17 -9.44 28.38
C PHE A 82 -56.88 -8.86 29.77
N GLY A 83 -57.47 -9.46 30.79
CA GLY A 83 -57.24 -9.01 32.14
C GLY A 83 -55.81 -9.27 32.60
N SER A 84 -55.32 -8.38 33.45
CA SER A 84 -53.95 -8.47 33.97
C SER A 84 -52.92 -8.48 32.86
N PHE A 85 -53.21 -7.76 31.76
CA PHE A 85 -52.31 -7.68 30.62
C PHE A 85 -52.10 -6.28 30.09
N CYS A 86 -52.85 -5.28 30.58
CA CYS A 86 -52.70 -3.92 30.06
C CYS A 86 -51.35 -3.34 30.43
N ASN A 87 -50.82 -3.69 31.61
CA ASN A 87 -49.54 -3.15 32.04
C ASN A 87 -48.42 -3.55 31.09
N ILE A 88 -48.27 -4.86 30.85
CA ILE A 88 -47.22 -5.33 29.96
C ILE A 88 -47.44 -4.82 28.54
N TRP A 89 -48.71 -4.66 28.15
CA TRP A 89 -49.00 -4.14 26.82
C TRP A 89 -48.49 -2.71 26.67
N VAL A 90 -48.82 -1.85 27.65
CA VAL A 90 -48.34 -0.47 27.61
C VAL A 90 -46.82 -0.45 27.67
N ALA A 91 -46.23 -1.35 28.45
CA ALA A 91 -44.77 -1.42 28.53
C ALA A 91 -44.17 -1.70 27.16
N PHE A 92 -44.66 -2.74 26.47
CA PHE A 92 -44.15 -3.07 25.15
C PHE A 92 -44.39 -1.93 24.17
N ASP A 93 -45.55 -1.27 24.27
CA ASP A 93 -45.86 -0.17 23.37
C ASP A 93 -44.86 0.96 23.53
N ILE A 94 -44.63 1.40 24.77
CA ILE A 94 -43.69 2.48 25.01
C ILE A 94 -42.28 2.06 24.60
N MET A 95 -41.89 0.82 24.89
CA MET A 95 -40.57 0.33 24.50
C MET A 95 -40.39 0.45 22.99
N CYS A 96 -41.36 -0.08 22.23
CA CYS A 96 -41.23 -0.08 20.77
C CYS A 96 -41.24 1.35 20.22
N SER A 97 -42.09 2.22 20.77
CA SER A 97 -42.13 3.59 20.29
C SER A 97 -40.81 4.29 20.52
N THR A 98 -40.29 4.23 21.75
CA THR A 98 -39.00 4.86 22.05
C THR A 98 -37.90 4.26 21.20
N ALA A 99 -37.91 2.94 21.00
CA ALA A 99 -36.87 2.30 20.21
C ALA A 99 -36.91 2.77 18.76
N SER A 100 -38.10 2.86 18.17
CA SER A 100 -38.22 3.33 16.78
C SER A 100 -37.76 4.77 16.67
N ILE A 101 -38.18 5.62 17.60
CA ILE A 101 -37.80 7.03 17.52
C ILE A 101 -36.29 7.19 17.66
N TRP A 102 -35.67 6.48 18.61
CA TRP A 102 -34.22 6.59 18.77
C TRP A 102 -33.47 5.94 17.61
N ASN A 103 -34.04 4.92 16.97
CA ASN A 103 -33.44 4.37 15.76
C ASN A 103 -33.44 5.41 14.65
N LEU A 104 -34.56 6.10 14.46
CA LEU A 104 -34.60 7.18 13.48
C LEU A 104 -33.57 8.25 13.81
N CYS A 105 -33.46 8.60 15.10
CA CYS A 105 -32.52 9.63 15.51
C CYS A 105 -31.09 9.23 15.22
N VAL A 106 -30.71 8.00 15.58
CA VAL A 106 -29.33 7.57 15.36
C VAL A 106 -29.06 7.40 13.87
N ILE A 107 -30.06 7.03 13.08
CA ILE A 107 -29.88 6.95 11.63
C ILE A 107 -29.59 8.34 11.08
N SER A 108 -30.36 9.34 11.52
CA SER A 108 -30.10 10.71 11.08
C SER A 108 -28.72 11.17 11.48
N VAL A 109 -28.31 10.86 12.72
CA VAL A 109 -26.98 11.26 13.19
C VAL A 109 -25.90 10.59 12.36
N ASP A 110 -26.10 9.32 12.02
CA ASP A 110 -25.12 8.60 11.21
C ASP A 110 -25.02 9.20 9.82
N ARG A 111 -26.16 9.52 9.20
CA ARG A 111 -26.12 10.15 7.88
C ARG A 111 -25.45 11.52 7.94
N TYR A 112 -25.69 12.27 9.02
CA TYR A 112 -25.03 13.56 9.17
C TYR A 112 -23.52 13.40 9.29
N TRP A 113 -23.08 12.43 10.11
CA TRP A 113 -21.65 12.20 10.26
C TRP A 113 -21.01 11.73 8.95
N ALA A 114 -21.76 10.97 8.16
CA ALA A 114 -21.21 10.48 6.88
C ALA A 114 -21.15 11.59 5.84
N ILE A 115 -22.13 12.49 5.84
CA ILE A 115 -22.17 13.55 4.84
C ILE A 115 -21.21 14.69 5.20
N SER A 116 -21.04 14.99 6.48
CA SER A 116 -20.18 16.10 6.89
C SER A 116 -18.71 15.71 6.83
N SER A 117 -18.38 14.51 7.34
CA SER A 117 -16.99 14.04 7.38
C SER A 117 -16.97 12.56 7.01
N PRO A 118 -17.03 12.25 5.70
CA PRO A 118 -17.02 10.85 5.30
C PRO A 118 -15.70 10.15 5.57
N PHE A 119 -14.57 10.87 5.46
CA PHE A 119 -13.28 10.24 5.72
C PHE A 119 -13.16 9.78 7.17
N ARG A 120 -13.56 10.64 8.12
CA ARG A 120 -13.56 10.23 9.52
C ARG A 120 -14.68 9.24 9.81
N TYR A 121 -15.79 9.32 9.05
CA TYR A 121 -16.89 8.39 9.24
C TYR A 121 -16.48 6.97 8.94
N GLU A 122 -15.77 6.77 7.82
CA GLU A 122 -15.39 5.43 7.41
C GLU A 122 -14.40 4.79 8.37
N ARG A 123 -13.69 5.57 9.18
CA ARG A 123 -12.71 5.04 10.11
C ARG A 123 -13.22 4.96 11.54
N LYS A 124 -14.18 5.80 11.93
CA LYS A 124 -14.70 5.81 13.28
C LYS A 124 -16.01 5.04 13.43
N MET A 125 -16.85 5.04 12.41
CA MET A 125 -18.15 4.34 12.48
C MET A 125 -17.92 2.87 12.11
N THR A 126 -17.38 2.12 13.08
CA THR A 126 -17.17 0.70 12.91
C THR A 126 -18.41 -0.08 13.36
N PRO A 127 -18.52 -1.34 12.96
CA PRO A 127 -19.67 -2.14 13.42
C PRO A 127 -19.85 -2.13 14.94
N LYS A 128 -18.74 -2.07 15.68
CA LYS A 128 -18.84 -2.01 17.14
C LYS A 128 -19.59 -0.76 17.58
N ALA A 129 -19.34 0.38 16.93
CA ALA A 129 -20.03 1.61 17.29
C ALA A 129 -21.52 1.50 17.01
N ALA A 130 -21.89 0.94 15.86
CA ALA A 130 -23.30 0.78 15.54
C ALA A 130 -23.98 -0.16 16.52
N PHE A 131 -23.30 -1.25 16.91
CA PHE A 131 -23.87 -2.16 17.89
C PHE A 131 -24.04 -1.47 19.24
N ILE A 132 -23.07 -0.67 19.66
CA ILE A 132 -23.18 0.03 20.94
C ILE A 132 -24.33 1.02 20.90
N LEU A 133 -24.52 1.68 19.75
CA LEU A 133 -25.61 2.63 19.63
C LEU A 133 -26.97 1.94 19.66
N ILE A 134 -27.12 0.83 18.92
CA ILE A 134 -28.36 0.08 18.96
C ILE A 134 -28.64 -0.41 20.38
N SER A 135 -27.60 -0.88 21.07
CA SER A 135 -27.75 -1.26 22.47
C SER A 135 -28.29 -0.10 23.28
N VAL A 136 -27.52 0.99 23.39
CA VAL A 136 -27.95 2.15 24.15
C VAL A 136 -29.40 2.49 23.86
N ALA A 137 -29.79 2.46 22.58
CA ALA A 137 -31.16 2.81 22.21
C ALA A 137 -32.16 1.84 22.86
N TRP A 138 -31.96 0.54 22.67
CA TRP A 138 -32.91 -0.43 23.21
C TRP A 138 -32.91 -0.41 24.74
N THR A 139 -31.74 -0.22 25.34
CA THR A 139 -31.67 -0.15 26.80
C THR A 139 -32.42 1.05 27.33
N LEU A 140 -32.31 2.20 26.67
CA LEU A 140 -33.07 3.37 27.08
C LEU A 140 -34.57 3.12 26.92
N SER A 141 -34.95 2.50 25.80
CA SER A 141 -36.37 2.20 25.58
C SER A 141 -36.91 1.27 26.65
N VAL A 142 -36.10 0.30 27.09
CA VAL A 142 -36.54 -0.64 28.12
C VAL A 142 -36.62 0.05 29.48
N LEU A 143 -35.62 0.88 29.80
CA LEU A 143 -35.59 1.53 31.10
C LEU A 143 -36.74 2.53 31.23
N ILE A 144 -37.03 3.29 30.17
CA ILE A 144 -38.09 4.29 30.25
C ILE A 144 -39.47 3.65 30.21
N SER A 145 -39.56 2.37 29.83
CA SER A 145 -40.84 1.71 29.63
C SER A 145 -41.20 0.76 30.78
N PHE A 146 -40.31 -0.18 31.13
CA PHE A 146 -40.66 -1.20 32.11
C PHE A 146 -40.46 -0.70 33.54
N ILE A 147 -39.34 -0.05 33.82
CA ILE A 147 -39.04 0.37 35.20
C ILE A 147 -40.17 1.22 35.77
N PRO A 148 -40.73 2.21 35.06
CA PRO A 148 -41.85 2.97 35.63
C PRO A 148 -43.15 2.21 35.70
N VAL A 149 -43.40 1.27 34.78
CA VAL A 149 -44.67 0.55 34.76
C VAL A 149 -44.69 -0.53 35.83
N GLN A 150 -43.60 -1.28 35.97
CA GLN A 150 -43.55 -2.34 36.96
C GLN A 150 -43.60 -1.77 38.38
N LEU A 151 -43.03 -0.59 38.59
CA LEU A 151 -43.02 0.05 39.90
C LEU A 151 -44.23 0.95 40.12
N SER A 152 -45.22 0.90 39.24
CA SER A 152 -46.46 1.67 39.42
C SER A 152 -46.19 3.17 39.42
N TRP A 153 -45.22 3.60 38.61
CA TRP A 153 -44.91 5.02 38.49
C TRP A 153 -45.77 5.72 37.45
N HIS A 154 -46.32 4.99 36.47
CA HIS A 154 -47.16 5.62 35.46
C HIS A 154 -48.54 5.98 36.00
N LYS A 155 -48.99 5.32 37.07
CA LYS A 155 -50.28 5.61 37.66
C LYS A 155 -50.37 7.08 38.11
N ASN A 175 -62.29 -2.24 31.30
CA ASN A 175 -61.63 -1.48 30.25
C ASN A 175 -60.42 -0.73 30.79
N CYS A 176 -59.32 -0.76 30.04
CA CYS A 176 -58.08 -0.10 30.44
C CYS A 176 -58.00 1.24 29.71
N ASP A 177 -58.67 2.24 30.27
CA ASP A 177 -58.71 3.59 29.71
C ASP A 177 -58.13 4.63 30.64
N SER A 178 -57.41 4.23 31.68
CA SER A 178 -56.81 5.19 32.60
C SER A 178 -55.67 5.93 31.91
N SER A 179 -55.61 7.24 32.12
CA SER A 179 -54.57 8.06 31.52
C SER A 179 -53.31 8.04 32.38
N LEU A 180 -52.19 8.36 31.74
CA LEU A 180 -50.92 8.39 32.45
C LEU A 180 -50.84 9.61 33.35
N SER A 181 -49.93 9.55 34.33
CA SER A 181 -49.74 10.66 35.24
C SER A 181 -49.03 11.81 34.55
N ARG A 182 -49.17 13.01 35.14
CA ARG A 182 -48.60 14.21 34.52
C ARG A 182 -47.09 14.12 34.46
N THR A 183 -46.43 13.90 35.60
CA THR A 183 -44.96 13.90 35.62
C THR A 183 -44.40 12.81 34.72
N TYR A 184 -44.92 11.58 34.82
CA TYR A 184 -44.41 10.50 33.99
C TYR A 184 -44.69 10.74 32.52
N ALA A 185 -45.89 11.22 32.20
CA ALA A 185 -46.21 11.53 30.80
C ALA A 185 -45.23 12.54 30.23
N ILE A 186 -44.99 13.63 30.96
CA ILE A 186 -44.08 14.67 30.47
C ILE A 186 -42.67 14.11 30.31
N SER A 187 -42.20 13.36 31.32
CA SER A 187 -40.85 12.82 31.25
C SER A 187 -40.69 11.88 30.06
N SER A 188 -41.67 11.00 29.84
CA SER A 188 -41.56 10.04 28.74
C SER A 188 -41.66 10.75 27.40
N SER A 189 -42.54 11.75 27.28
CA SER A 189 -42.65 12.49 26.03
C SER A 189 -41.35 13.24 25.73
N VAL A 190 -40.69 13.77 26.75
CA VAL A 190 -39.44 14.50 26.52
C VAL A 190 -38.32 13.54 26.16
N ILE A 191 -38.24 12.40 26.84
CA ILE A 191 -37.13 11.48 26.61
C ILE A 191 -37.30 10.74 25.29
N SER A 192 -38.55 10.58 24.83
CA SER A 192 -38.80 9.71 23.69
C SER A 192 -38.93 10.48 22.38
N PHE A 193 -39.55 11.66 22.40
CA PHE A 193 -39.91 12.33 21.16
C PHE A 193 -39.19 13.66 20.95
N TYR A 194 -39.27 14.57 21.92
CA TYR A 194 -38.85 15.94 21.68
C TYR A 194 -37.34 16.05 21.47
N ILE A 195 -36.55 15.33 22.24
CA ILE A 195 -35.09 15.41 22.12
C ILE A 195 -34.67 14.81 20.77
N PRO A 196 -35.14 13.61 20.43
CA PRO A 196 -34.89 13.12 19.06
C PRO A 196 -35.39 14.07 17.98
N VAL A 197 -36.53 14.73 18.21
CA VAL A 197 -37.05 15.69 17.24
C VAL A 197 -36.05 16.81 17.01
N ALA A 198 -35.55 17.41 18.09
CA ALA A 198 -34.58 18.49 17.95
C ALA A 198 -33.29 18.01 17.29
N ILE A 199 -32.85 16.80 17.66
CA ILE A 199 -31.62 16.26 17.08
C ILE A 199 -31.78 16.09 15.57
N MET A 200 -32.89 15.48 15.13
CA MET A 200 -33.14 15.29 13.71
C MET A 200 -33.31 16.63 13.00
N ILE A 201 -33.93 17.60 13.67
CA ILE A 201 -34.08 18.93 13.07
C ILE A 201 -32.72 19.53 12.77
N VAL A 202 -31.84 19.57 13.77
CA VAL A 202 -30.53 20.18 13.57
C VAL A 202 -29.72 19.39 12.55
N THR A 203 -29.82 18.06 12.59
CA THR A 203 -29.11 17.22 11.62
C THR A 203 -29.52 17.55 10.19
N TYR A 204 -30.83 17.50 9.92
CA TYR A 204 -31.30 17.76 8.57
C TYR A 204 -31.05 19.21 8.16
N THR A 205 -31.09 20.15 9.11
CA THR A 205 -30.77 21.53 8.77
C THR A 205 -29.32 21.67 8.32
N ARG A 206 -28.39 21.07 9.06
CA ARG A 206 -26.99 21.14 8.66
C ARG A 206 -26.76 20.43 7.33
N ILE A 207 -27.43 19.30 7.11
CA ILE A 207 -27.29 18.59 5.83
C ILE A 207 -27.81 19.46 4.70
N TYR A 208 -28.95 20.11 4.90
CA TYR A 208 -29.52 20.98 3.87
C TYR A 208 -28.61 22.17 3.60
N ARG A 209 -27.99 22.72 4.63
CA ARG A 209 -27.07 23.84 4.43
C ARG A 209 -25.85 23.41 3.64
N ILE A 210 -25.29 22.24 3.95
CA ILE A 210 -24.14 21.74 3.19
C ILE A 210 -24.54 21.51 1.73
N ALA A 211 -25.70 20.90 1.52
CA ALA A 211 -26.17 20.65 0.16
C ALA A 211 -26.36 21.95 -0.60
N GLN A 212 -26.95 22.97 0.05
CA GLN A 212 -27.12 24.26 -0.60
C GLN A 212 -25.78 24.88 -0.96
N LYS A 213 -24.82 24.83 -0.02
CA LYS A 213 -23.51 25.39 -0.29
C LYS A 213 -22.88 24.74 -1.52
N GLN A 214 -22.89 23.41 -1.57
CA GLN A 214 -22.25 22.73 -2.70
C GLN A 214 -23.00 22.96 -4.00
N ILE A 215 -24.34 22.91 -3.97
CA ILE A 215 -25.12 23.12 -5.19
C ILE A 215 -24.91 24.54 -5.71
N ARG A 216 -24.82 25.52 -4.81
CA ARG A 216 -24.63 26.89 -5.26
C ARG A 216 -23.21 27.14 -5.75
N ARG A 217 -22.22 26.44 -5.17
CA ARG A 217 -20.87 26.49 -5.74
C ARG A 217 -20.88 25.95 -7.17
N ILE A 218 -21.53 24.80 -7.38
CA ILE A 218 -21.61 24.23 -8.72
C ILE A 218 -22.33 25.18 -9.67
N ALA A 219 -23.40 25.81 -9.19
CA ALA A 219 -24.16 26.73 -10.04
C ALA A 219 -23.33 27.96 -10.41
N ALA A 220 -22.57 28.48 -9.44
CA ALA A 220 -21.71 29.62 -9.72
C ALA A 220 -20.64 29.25 -10.75
N LEU A 221 -20.02 28.08 -10.58
CA LEU A 221 -19.04 27.63 -11.58
C LEU A 221 -19.69 27.51 -12.95
N GLU A 222 -20.90 26.96 -13.00
CA GLU A 222 -21.58 26.82 -14.29
C GLU A 222 -21.83 28.17 -14.93
N ARG A 223 -22.46 29.09 -14.21
CA ARG A 223 -22.77 30.41 -14.76
C ARG A 223 -21.50 31.18 -15.11
N ALA A 224 -20.39 30.92 -14.44
CA ALA A 224 -19.14 31.58 -14.80
C ALA A 224 -18.49 30.94 -16.03
N ALA A 225 -18.73 29.65 -16.25
CA ALA A 225 -18.18 28.99 -17.43
C ALA A 225 -18.92 29.40 -18.70
N VAL A 226 -20.25 29.32 -18.68
CA VAL A 226 -21.05 29.70 -19.83
C VAL A 226 -20.97 31.21 -20.05
N PHE A 254 -34.10 26.94 -8.76
CA PHE A 254 -33.25 25.77 -8.57
C PHE A 254 -34.06 24.48 -8.70
N LYS A 255 -33.37 23.38 -8.98
CA LYS A 255 -33.99 22.06 -9.10
C LYS A 255 -33.37 21.04 -8.17
N ARG A 256 -32.06 21.13 -7.90
CA ARG A 256 -31.43 20.19 -6.97
C ARG A 256 -31.85 20.50 -5.53
N GLU A 257 -31.70 21.76 -5.12
CA GLU A 257 -32.17 22.16 -3.79
C GLU A 257 -33.67 21.87 -3.64
N THR A 258 -34.44 22.01 -4.72
CA THR A 258 -35.85 21.70 -4.65
C THR A 258 -36.07 20.23 -4.28
N LYS A 259 -35.36 19.32 -4.94
CA LYS A 259 -35.49 17.90 -4.65
C LYS A 259 -35.02 17.59 -3.23
N VAL A 260 -33.92 18.19 -2.81
CA VAL A 260 -33.42 17.94 -1.45
C VAL A 260 -34.45 18.40 -0.42
N LEU A 261 -35.02 19.58 -0.60
CA LEU A 261 -36.02 20.08 0.33
C LEU A 261 -37.28 19.24 0.28
N LYS A 262 -37.66 18.74 -0.90
CA LYS A 262 -38.84 17.89 -1.00
C LYS A 262 -38.64 16.58 -0.22
N THR A 263 -37.45 15.99 -0.35
CA THR A 263 -37.16 14.77 0.40
C THR A 263 -37.16 15.04 1.90
N LEU A 264 -36.45 16.09 2.32
CA LEU A 264 -36.41 16.43 3.75
C LEU A 264 -37.81 16.70 4.28
N SER A 265 -38.68 17.30 3.48
CA SER A 265 -40.06 17.50 3.89
C SER A 265 -40.78 16.18 4.04
N VAL A 266 -40.83 15.39 2.96
CA VAL A 266 -41.50 14.09 2.99
C VAL A 266 -41.06 13.27 4.20
N ILE A 267 -39.83 13.49 4.68
CA ILE A 267 -39.36 12.77 5.85
C ILE A 267 -39.87 13.44 7.14
N MET A 268 -39.47 14.69 7.35
CA MET A 268 -39.64 15.32 8.66
C MET A 268 -41.10 15.71 8.90
N GLY A 269 -41.74 16.34 7.91
CA GLY A 269 -43.13 16.71 8.07
C GLY A 269 -44.03 15.50 8.29
N VAL A 270 -43.71 14.39 7.63
CA VAL A 270 -44.48 13.17 7.82
C VAL A 270 -44.28 12.62 9.23
N PHE A 271 -43.02 12.53 9.67
CA PHE A 271 -42.75 12.09 11.02
C PHE A 271 -43.48 12.95 12.04
N VAL A 272 -43.51 14.26 11.81
CA VAL A 272 -44.17 15.18 12.72
C VAL A 272 -45.68 14.92 12.73
N CYS A 273 -46.32 15.06 11.57
CA CYS A 273 -47.76 14.81 11.47
C CYS A 273 -48.14 13.46 12.06
N CYS A 274 -47.20 12.51 12.09
CA CYS A 274 -47.50 11.21 12.66
C CYS A 274 -47.42 11.21 14.18
N TRP A 275 -46.31 11.67 14.74
CA TRP A 275 -46.04 11.51 16.16
C TRP A 275 -46.37 12.73 17.02
N LEU A 276 -46.08 13.94 16.53
CA LEU A 276 -46.21 15.12 17.38
C LEU A 276 -47.58 15.26 18.02
N PRO A 277 -48.69 15.27 17.28
CA PRO A 277 -49.99 15.50 17.93
C PRO A 277 -50.30 14.47 19.02
N PHE A 278 -49.85 13.23 18.84
CA PHE A 278 -50.06 12.23 19.88
C PHE A 278 -49.43 12.67 21.19
N PHE A 279 -48.17 13.12 21.15
CA PHE A 279 -47.51 13.56 22.36
C PHE A 279 -48.10 14.86 22.89
N ILE A 280 -48.55 15.75 21.99
CA ILE A 280 -49.23 16.97 22.43
C ILE A 280 -50.45 16.61 23.27
N LEU A 281 -51.26 15.66 22.78
CA LEU A 281 -52.42 15.24 23.55
C LEU A 281 -52.02 14.52 24.83
N ASN A 282 -50.98 13.68 24.77
CA ASN A 282 -50.53 12.97 25.95
C ASN A 282 -50.05 13.94 27.03
N CYS A 283 -49.56 15.12 26.63
CA CYS A 283 -49.12 16.11 27.60
C CYS A 283 -50.27 16.98 28.07
N ILE A 284 -51.26 17.23 27.20
CA ILE A 284 -52.36 18.12 27.55
C ILE A 284 -53.36 17.40 28.47
N LEU A 285 -53.82 16.23 28.05
CA LEU A 285 -54.89 15.54 28.76
C LEU A 285 -54.60 15.35 30.24
N PRO A 286 -53.40 14.93 30.66
CA PRO A 286 -53.15 14.78 32.10
C PRO A 286 -53.40 16.05 32.90
N PHE A 287 -53.07 17.21 32.34
CA PHE A 287 -53.31 18.47 33.03
C PHE A 287 -54.75 18.96 32.87
N CYS A 288 -55.53 18.35 32.00
CA CYS A 288 -56.93 18.74 31.82
C CYS A 288 -57.70 18.66 33.13
N CYS A 297 -61.04 16.92 28.43
CA CYS A 297 -60.95 17.97 27.43
C CYS A 297 -61.11 17.40 26.03
N ILE A 298 -60.62 16.18 25.83
CA ILE A 298 -60.69 15.50 24.53
C ILE A 298 -61.17 14.08 24.76
N ASP A 299 -61.94 13.56 23.80
CA ASP A 299 -62.47 12.22 23.91
C ASP A 299 -61.40 11.20 23.53
N SER A 300 -61.61 9.95 23.99
CA SER A 300 -60.65 8.90 23.71
C SER A 300 -60.67 8.47 22.25
N ASN A 301 -61.79 8.70 21.55
CA ASN A 301 -61.87 8.32 20.14
C ASN A 301 -60.85 9.10 19.31
N THR A 302 -60.80 10.42 19.50
CA THR A 302 -59.83 11.23 18.76
C THR A 302 -58.41 10.86 19.15
N PHE A 303 -58.18 10.57 20.43
CA PHE A 303 -56.85 10.16 20.87
C PHE A 303 -56.41 8.88 20.16
N ASP A 304 -57.32 7.92 20.03
CA ASP A 304 -56.99 6.68 19.33
C ASP A 304 -56.77 6.94 17.85
N VAL A 305 -57.61 7.78 17.24
CA VAL A 305 -57.46 8.08 15.82
C VAL A 305 -56.10 8.71 15.56
N PHE A 306 -55.62 9.55 16.48
CA PHE A 306 -54.34 10.22 16.30
C PHE A 306 -53.15 9.35 16.69
N VAL A 307 -53.33 8.39 17.61
CA VAL A 307 -52.22 7.52 17.97
C VAL A 307 -52.06 6.40 16.94
N TRP A 308 -53.12 6.05 16.22
CA TRP A 308 -52.96 5.07 15.14
C TRP A 308 -52.01 5.58 14.07
N PHE A 309 -51.91 6.90 13.89
CA PHE A 309 -50.93 7.44 12.96
C PHE A 309 -49.51 7.16 13.44
N GLY A 310 -49.29 7.21 14.76
CA GLY A 310 -47.98 6.89 15.29
C GLY A 310 -47.56 5.47 14.98
N TRP A 311 -48.51 4.55 14.93
CA TRP A 311 -48.20 3.15 14.60
C TRP A 311 -48.08 2.96 13.09
N ALA A 312 -48.92 3.64 12.31
CA ALA A 312 -48.76 3.60 10.86
C ALA A 312 -47.41 4.17 10.43
N ASN A 313 -46.85 5.07 11.24
CA ASN A 313 -45.52 5.57 10.95
C ASN A 313 -44.49 4.45 10.95
N SER A 314 -44.71 3.42 11.78
CA SER A 314 -43.80 2.28 11.80
C SER A 314 -43.73 1.61 10.43
N ALA A 315 -44.86 1.52 9.74
CA ALA A 315 -44.87 0.92 8.41
C ALA A 315 -44.39 1.91 7.35
N LEU A 316 -44.68 3.20 7.55
CA LEU A 316 -44.25 4.19 6.58
C LEU A 316 -42.74 4.40 6.60
N ASN A 317 -42.09 4.11 7.74
CA ASN A 317 -40.66 4.29 7.88
C ASN A 317 -39.89 3.53 6.80
N PRO A 318 -40.00 2.20 6.73
CA PRO A 318 -39.23 1.46 5.72
C PRO A 318 -39.51 1.88 4.29
N ILE A 319 -40.66 2.52 4.03
CA ILE A 319 -40.96 2.97 2.68
C ILE A 319 -40.05 4.12 2.28
N ILE A 320 -39.49 4.83 3.26
CA ILE A 320 -38.61 5.97 3.00
C ILE A 320 -37.16 5.65 3.29
N TYR A 321 -36.90 4.91 4.38
CA TYR A 321 -35.54 4.60 4.79
C TYR A 321 -35.01 3.31 4.17
N ALA A 322 -35.89 2.41 3.73
CA ALA A 322 -35.50 1.13 3.17
C ALA A 322 -36.15 0.92 1.81
N PHE A 323 -36.10 1.95 0.95
CA PHE A 323 -36.69 1.88 -0.38
C PHE A 323 -35.78 2.51 -1.42
N ASN A 324 -34.47 2.57 -1.16
CA ASN A 324 -33.53 3.14 -2.11
C ASN A 324 -33.18 2.12 -3.18
N ALA A 325 -32.22 2.48 -4.03
CA ALA A 325 -31.86 1.62 -5.16
C ALA A 325 -31.46 0.23 -4.68
N ASP A 326 -30.69 0.14 -3.59
CA ASP A 326 -30.23 -1.15 -3.11
C ASP A 326 -31.40 -2.02 -2.69
N PHE A 327 -32.31 -1.48 -1.87
CA PHE A 327 -33.46 -2.25 -1.42
C PHE A 327 -34.38 -2.59 -2.58
N ARG A 328 -34.52 -1.67 -3.55
CA ARG A 328 -35.34 -1.96 -4.72
C ARG A 328 -34.77 -3.14 -5.50
N LYS A 329 -33.46 -3.13 -5.76
CA LYS A 329 -32.84 -4.24 -6.46
C LYS A 329 -32.96 -5.54 -5.67
N ALA A 330 -32.81 -5.46 -4.34
CA ALA A 330 -32.94 -6.66 -3.52
C ALA A 330 -34.35 -7.24 -3.61
N PHE A 331 -35.38 -6.40 -3.50
CA PHE A 331 -36.75 -6.87 -3.60
C PHE A 331 -37.04 -7.40 -5.00
N SER A 332 -36.43 -6.81 -6.03
CA SER A 332 -36.68 -7.27 -7.40
C SER A 332 -36.04 -8.64 -7.63
N THR A 333 -34.82 -8.84 -7.16
CA THR A 333 -34.12 -10.10 -7.37
C THR A 333 -34.55 -11.19 -6.38
N LEU A 334 -35.23 -10.83 -5.30
CA LEU A 334 -35.70 -11.82 -4.32
C LEU A 334 -37.01 -12.45 -4.75
N LEU A 335 -38.02 -11.64 -5.05
CA LEU A 335 -39.33 -12.15 -5.45
C LEU A 335 -39.37 -12.35 -6.96
N GLN B 1 -28.98 6.19 -16.01
CA GLN B 1 -27.92 5.56 -15.18
C GLN B 1 -26.60 6.30 -15.33
N VAL B 2 -25.69 6.08 -14.39
CA VAL B 2 -24.38 6.71 -14.39
C VAL B 2 -23.37 5.72 -14.97
N GLN B 3 -22.65 6.16 -16.00
CA GLN B 3 -21.66 5.34 -16.68
C GLN B 3 -20.27 5.89 -16.40
N LEU B 4 -19.40 5.04 -15.86
CA LEU B 4 -18.03 5.40 -15.56
C LEU B 4 -17.11 4.76 -16.59
N GLN B 5 -16.45 5.60 -17.40
CA GLN B 5 -15.54 5.13 -18.43
C GLN B 5 -14.11 5.47 -18.02
N GLU B 6 -13.28 4.45 -17.89
CA GLU B 6 -11.91 4.59 -17.43
C GLU B 6 -10.94 4.49 -18.60
N SER B 7 -9.77 5.10 -18.42
CA SER B 7 -8.72 5.05 -19.44
C SER B 7 -7.40 5.42 -18.79
N GLY B 8 -6.31 5.16 -19.52
CA GLY B 8 -4.97 5.46 -19.07
C GLY B 8 -4.18 4.26 -18.58
N GLY B 9 -4.83 3.12 -18.38
CA GLY B 9 -4.11 1.95 -17.92
C GLY B 9 -3.20 1.38 -18.98
N GLY B 10 -2.13 0.72 -18.52
CA GLY B 10 -1.17 0.13 -19.44
C GLY B 10 0.03 -0.38 -18.69
N LEU B 11 1.06 -0.74 -19.45
CA LEU B 11 2.31 -1.25 -18.93
C LEU B 11 3.31 -0.11 -18.77
N VAL B 12 3.97 -0.06 -17.61
CA VAL B 12 4.92 1.00 -17.31
C VAL B 12 6.09 0.41 -16.53
N GLN B 13 7.27 1.01 -16.73
CA GLN B 13 8.46 0.55 -16.02
C GLN B 13 8.44 1.05 -14.58
N ALA B 14 9.05 0.27 -13.69
CA ALA B 14 9.12 0.64 -12.28
C ALA B 14 9.75 2.03 -12.14
N GLY B 15 9.15 2.85 -11.27
CA GLY B 15 9.60 4.19 -11.05
C GLY B 15 8.97 5.24 -11.94
N GLY B 16 8.29 4.82 -13.01
CA GLY B 16 7.64 5.75 -13.91
C GLY B 16 6.37 6.34 -13.33
N SER B 17 5.71 7.16 -14.14
CA SER B 17 4.48 7.81 -13.75
C SER B 17 3.37 7.47 -14.73
N LEU B 18 2.12 7.53 -14.27
CA LEU B 18 0.98 7.22 -15.10
C LEU B 18 -0.23 8.01 -14.61
N ARG B 19 -1.00 8.56 -15.55
CA ARG B 19 -2.17 9.37 -15.22
C ARG B 19 -3.42 8.63 -15.69
N LEU B 20 -4.09 7.96 -14.75
CA LEU B 20 -5.37 7.34 -15.05
C LEU B 20 -6.49 8.37 -14.99
N SER B 21 -7.52 8.17 -15.81
CA SER B 21 -8.66 9.07 -15.85
C SER B 21 -9.94 8.26 -15.89
N CYS B 22 -11.01 8.83 -15.34
CA CYS B 22 -12.33 8.21 -15.37
C CYS B 22 -13.38 9.31 -15.51
N ALA B 23 -14.20 9.21 -16.56
CA ALA B 23 -15.26 10.16 -16.82
C ALA B 23 -16.60 9.55 -16.41
N ALA B 24 -17.37 10.32 -15.64
CA ALA B 24 -18.68 9.87 -15.17
C ALA B 24 -19.76 10.63 -15.94
N SER B 25 -20.55 9.90 -16.73
CA SER B 25 -21.64 10.47 -17.50
C SER B 25 -22.96 10.12 -16.81
N GLY B 26 -23.73 11.14 -16.47
CA GLY B 26 -25.00 10.97 -15.79
C GLY B 26 -25.18 11.98 -14.68
N SER B 27 -26.43 12.05 -14.20
CA SER B 27 -26.79 12.98 -13.15
C SER B 27 -26.25 12.46 -11.81
N ILE B 28 -25.39 13.25 -11.17
CA ILE B 28 -24.80 12.92 -9.89
C ILE B 28 -25.11 14.04 -8.92
N PHE B 29 -25.54 13.67 -7.71
CA PHE B 29 -25.86 14.66 -6.69
C PHE B 29 -24.62 15.47 -6.33
N ALA B 30 -24.85 16.71 -5.89
CA ALA B 30 -23.73 17.59 -5.54
C ALA B 30 -22.83 16.94 -4.49
N LEU B 31 -23.42 16.28 -3.50
CA LEU B 31 -22.66 15.60 -2.46
C LEU B 31 -22.32 14.20 -2.95
N ASN B 32 -21.08 14.01 -3.41
CA ASN B 32 -20.63 12.73 -3.92
C ASN B 32 -19.14 12.58 -3.66
N ILE B 33 -18.70 11.34 -3.53
CA ILE B 33 -17.30 11.01 -3.28
C ILE B 33 -16.79 10.15 -4.43
N MET B 34 -15.72 10.62 -5.08
CA MET B 34 -15.09 9.88 -6.16
C MET B 34 -13.74 9.34 -5.70
N GLY B 35 -13.55 8.03 -5.84
CA GLY B 35 -12.34 7.41 -5.34
C GLY B 35 -11.83 6.34 -6.27
N TRP B 36 -10.61 5.90 -5.98
CA TRP B 36 -9.95 4.81 -6.70
C TRP B 36 -9.56 3.74 -5.71
N TYR B 37 -10.01 2.50 -5.99
CA TYR B 37 -9.60 1.32 -5.25
C TYR B 37 -8.75 0.44 -6.17
N ARG B 38 -8.01 -0.49 -5.58
CA ARG B 38 -7.21 -1.43 -6.34
C ARG B 38 -7.46 -2.85 -5.86
N GLN B 39 -7.52 -3.78 -6.81
CA GLN B 39 -7.75 -5.18 -6.52
C GLN B 39 -6.66 -6.00 -7.22
N ALA B 40 -5.99 -6.86 -6.45
CA ALA B 40 -4.94 -7.72 -7.00
C ALA B 40 -5.43 -9.15 -7.11
N PRO B 41 -4.91 -9.93 -8.05
CA PRO B 41 -5.36 -11.33 -8.18
C PRO B 41 -5.03 -12.13 -6.93
N GLY B 42 -6.07 -12.60 -6.26
CA GLY B 42 -5.94 -13.36 -5.03
C GLY B 42 -6.18 -12.54 -3.77
N LYS B 43 -5.75 -11.28 -3.75
CA LYS B 43 -5.95 -10.42 -2.60
C LYS B 43 -7.33 -9.78 -2.65
N GLN B 44 -7.60 -8.91 -1.68
CA GLN B 44 -8.87 -8.21 -1.58
C GLN B 44 -8.74 -6.79 -2.08
N ARG B 45 -9.90 -6.17 -2.37
CA ARG B 45 -9.93 -4.81 -2.87
C ARG B 45 -9.71 -3.83 -1.72
N GLU B 46 -8.71 -2.96 -1.87
CA GLU B 46 -8.37 -1.98 -0.85
C GLU B 46 -8.45 -0.57 -1.44
N LEU B 47 -8.66 0.40 -0.56
CA LEU B 47 -8.76 1.79 -0.98
C LEU B 47 -7.39 2.35 -1.35
N VAL B 48 -7.36 3.11 -2.44
CA VAL B 48 -6.12 3.76 -2.88
C VAL B 48 -6.22 5.25 -2.61
N ALA B 49 -7.30 5.88 -3.07
CA ALA B 49 -7.48 7.31 -2.85
C ALA B 49 -8.96 7.66 -2.93
N ALA B 50 -9.30 8.85 -2.45
CA ALA B 50 -10.67 9.33 -2.49
C ALA B 50 -10.68 10.85 -2.41
N ILE B 51 -11.72 11.46 -2.95
CA ILE B 51 -11.90 12.91 -2.93
C ILE B 51 -13.39 13.22 -2.86
N HIS B 52 -13.76 14.12 -1.96
CA HIS B 52 -15.14 14.55 -1.80
C HIS B 52 -15.40 15.81 -2.62
N SER B 53 -16.68 16.04 -2.93
CA SER B 53 -17.05 17.21 -3.73
C SER B 53 -16.54 18.50 -3.12
N GLY B 54 -16.42 18.56 -1.79
CA GLY B 54 -15.93 19.74 -1.13
C GLY B 54 -14.46 20.06 -1.37
N GLY B 55 -13.73 19.14 -2.00
CA GLY B 55 -12.32 19.33 -2.29
C GLY B 55 -11.39 18.57 -1.38
N THR B 56 -11.86 18.06 -0.25
CA THR B 56 -10.99 17.32 0.66
C THR B 56 -10.59 15.99 0.03
N THR B 57 -9.32 15.62 0.21
CA THR B 57 -8.77 14.39 -0.35
C THR B 57 -8.30 13.49 0.78
N ASN B 58 -8.25 12.18 0.49
CA ASN B 58 -7.82 11.18 1.44
C ASN B 58 -7.04 10.11 0.70
N TYR B 59 -5.95 9.64 1.32
CA TYR B 59 -5.10 8.62 0.74
C TYR B 59 -4.79 7.57 1.79
N ALA B 60 -4.43 6.37 1.32
CA ALA B 60 -4.06 5.30 2.22
C ALA B 60 -2.66 5.53 2.77
N ASN B 61 -2.34 4.81 3.85
CA ASN B 61 -1.04 4.98 4.49
C ASN B 61 0.08 4.40 3.64
N SER B 62 -0.24 3.51 2.71
CA SER B 62 0.78 2.87 1.88
C SER B 62 1.06 3.62 0.58
N VAL B 63 0.13 4.46 0.13
CA VAL B 63 0.28 5.21 -1.11
C VAL B 63 0.29 6.72 -0.86
N LYS B 64 0.39 7.15 0.39
CA LYS B 64 0.39 8.57 0.69
C LYS B 64 1.64 9.22 0.10
N GLY B 65 1.43 10.26 -0.71
CA GLY B 65 2.50 10.99 -1.34
C GLY B 65 2.84 10.52 -2.74
N ARG B 66 2.80 9.21 -2.99
CA ARG B 66 3.12 8.72 -4.33
C ARG B 66 1.96 8.92 -5.29
N PHE B 67 0.73 8.76 -4.81
CA PHE B 67 -0.46 8.91 -5.63
C PHE B 67 -1.20 10.19 -5.25
N THR B 68 -1.79 10.82 -6.25
CA THR B 68 -2.58 12.04 -6.07
C THR B 68 -3.89 11.92 -6.84
N ILE B 69 -4.98 12.35 -6.20
CA ILE B 69 -6.32 12.27 -6.79
C ILE B 69 -6.85 13.68 -6.96
N SER B 70 -7.48 13.95 -8.10
CA SER B 70 -8.10 15.24 -8.37
C SER B 70 -9.35 15.03 -9.20
N ARG B 71 -10.15 16.08 -9.33
CA ARG B 71 -11.39 16.00 -10.08
C ARG B 71 -11.68 17.34 -10.74
N ASP B 72 -12.28 17.28 -11.93
CA ASP B 72 -12.71 18.47 -12.65
C ASP B 72 -14.05 18.92 -12.08
N ASN B 73 -14.06 20.10 -11.47
CA ASN B 73 -15.27 20.59 -10.81
C ASN B 73 -16.42 20.75 -11.80
N ALA B 74 -16.11 20.98 -13.08
CA ALA B 74 -17.14 21.25 -14.07
C ALA B 74 -17.57 20.01 -14.84
N ALA B 75 -16.78 18.94 -14.83
CA ALA B 75 -17.11 17.75 -15.60
C ALA B 75 -17.18 16.47 -14.78
N ASN B 76 -16.87 16.50 -13.48
CA ASN B 76 -16.92 15.31 -12.64
C ASN B 76 -16.01 14.20 -13.16
N THR B 77 -14.96 14.58 -13.89
CA THR B 77 -13.97 13.63 -14.37
C THR B 77 -12.83 13.55 -13.34
N VAL B 78 -12.52 12.34 -12.90
CA VAL B 78 -11.56 12.12 -11.82
C VAL B 78 -10.26 11.62 -12.42
N TYR B 79 -9.15 12.22 -11.99
CA TYR B 79 -7.81 11.88 -12.45
C TYR B 79 -6.98 11.38 -11.27
N LEU B 80 -6.16 10.37 -11.55
CA LEU B 80 -5.28 9.76 -10.55
C LEU B 80 -3.86 9.74 -11.12
N GLN B 81 -2.99 10.57 -10.56
CA GLN B 81 -1.59 10.61 -10.96
C GLN B 81 -0.78 9.71 -10.03
N MET B 82 -0.08 8.74 -10.61
CA MET B 82 0.74 7.81 -9.87
C MET B 82 2.20 8.02 -10.24
N ASN B 83 3.06 8.13 -9.23
CA ASN B 83 4.48 8.33 -9.42
C ASN B 83 5.25 7.31 -8.59
N SER B 84 6.48 7.02 -9.03
CA SER B 84 7.33 6.05 -8.36
C SER B 84 6.61 4.72 -8.20
N LEU B 85 5.97 4.27 -9.28
CA LEU B 85 5.24 3.01 -9.26
C LEU B 85 6.18 1.86 -8.95
N LYS B 86 5.72 0.96 -8.08
CA LYS B 86 6.50 -0.21 -7.67
C LYS B 86 5.87 -1.48 -8.21
N PRO B 87 6.62 -2.58 -8.27
CA PRO B 87 6.06 -3.83 -8.82
C PRO B 87 4.76 -4.25 -8.15
N GLU B 88 4.63 -4.05 -6.84
CA GLU B 88 3.42 -4.46 -6.12
C GLU B 88 2.21 -3.62 -6.49
N ASP B 89 2.38 -2.55 -7.27
CA ASP B 89 1.26 -1.70 -7.65
C ASP B 89 0.43 -2.26 -8.80
N THR B 90 0.89 -3.34 -9.44
CA THR B 90 0.12 -3.94 -10.52
C THR B 90 -1.20 -4.49 -9.98
N ALA B 91 -2.31 -4.06 -10.57
CA ALA B 91 -3.63 -4.46 -10.09
C ALA B 91 -4.68 -3.86 -11.01
N VAL B 92 -5.93 -4.22 -10.77
CA VAL B 92 -7.07 -3.61 -11.45
C VAL B 92 -7.53 -2.44 -10.60
N TYR B 93 -7.45 -1.23 -11.15
CA TYR B 93 -7.86 -0.02 -10.47
C TYR B 93 -9.30 0.31 -10.86
N TYR B 94 -10.19 0.29 -9.87
CA TYR B 94 -11.60 0.57 -10.07
C TYR B 94 -11.94 1.96 -9.56
N CYS B 95 -12.64 2.74 -10.38
CA CYS B 95 -13.17 4.02 -9.94
C CYS B 95 -14.55 3.81 -9.33
N ASN B 96 -14.75 4.38 -8.15
CA ASN B 96 -16.00 4.24 -7.41
C ASN B 96 -16.58 5.62 -7.15
N VAL B 97 -17.87 5.76 -7.43
CA VAL B 97 -18.62 6.99 -7.18
C VAL B 97 -19.70 6.69 -6.16
N LYS B 98 -19.55 7.25 -4.96
CA LYS B 98 -20.54 7.13 -3.90
C LYS B 98 -21.42 8.38 -3.92
N ASP B 99 -22.68 8.20 -4.28
CA ASP B 99 -23.64 9.28 -4.43
C ASP B 99 -24.59 9.27 -3.23
N PHE B 100 -24.77 10.43 -2.61
CA PHE B 100 -25.66 10.59 -1.47
C PHE B 100 -26.99 11.23 -1.86
N GLY B 101 -27.50 10.92 -3.06
CA GLY B 101 -28.78 11.46 -3.46
C GLY B 101 -29.86 11.24 -2.41
N ALA B 102 -30.09 9.98 -2.04
CA ALA B 102 -30.97 9.67 -0.93
C ALA B 102 -30.25 9.89 0.38
N ILE B 103 -30.67 10.89 1.15
CA ILE B 103 -29.97 11.22 2.39
C ILE B 103 -29.95 10.04 3.33
N VAL B 104 -30.90 9.11 3.20
CA VAL B 104 -30.96 7.95 4.10
C VAL B 104 -30.09 6.79 3.64
N ALA B 105 -29.39 6.93 2.51
CA ALA B 105 -28.58 5.84 1.99
C ALA B 105 -27.53 6.43 1.05
N ASP B 106 -26.87 5.56 0.28
CA ASP B 106 -25.86 5.98 -0.68
C ASP B 106 -25.74 4.91 -1.75
N ARG B 107 -25.56 5.33 -3.00
CA ARG B 107 -25.49 4.43 -4.13
C ARG B 107 -24.06 4.40 -4.67
N ASP B 108 -23.58 3.21 -5.00
CA ASP B 108 -22.21 3.02 -5.46
C ASP B 108 -22.22 2.70 -6.96
N TYR B 109 -21.47 3.49 -7.73
CA TYR B 109 -21.28 3.25 -9.16
C TYR B 109 -19.85 2.84 -9.42
N TRP B 110 -19.67 1.78 -10.21
CA TRP B 110 -18.37 1.25 -10.57
C TRP B 110 -18.18 1.32 -12.09
N GLY B 111 -16.94 1.22 -12.52
CA GLY B 111 -16.61 1.32 -13.93
C GLY B 111 -15.86 0.12 -14.48
N GLN B 112 -15.91 -1.01 -13.76
CA GLN B 112 -15.29 -2.27 -14.13
C GLN B 112 -13.76 -2.24 -14.00
N GLY B 113 -13.17 -1.10 -13.66
CA GLY B 113 -11.75 -1.02 -13.43
C GLY B 113 -10.93 -1.23 -14.68
N THR B 114 -9.65 -0.86 -14.59
CA THR B 114 -8.70 -1.00 -15.68
C THR B 114 -7.40 -1.62 -15.14
N GLN B 115 -6.76 -2.43 -15.96
CA GLN B 115 -5.55 -3.13 -15.55
C GLN B 115 -4.36 -2.18 -15.56
N VAL B 116 -3.46 -2.36 -14.60
CA VAL B 116 -2.20 -1.62 -14.53
C VAL B 116 -1.10 -2.60 -14.16
N THR B 117 0.00 -2.57 -14.89
CA THR B 117 1.11 -3.49 -14.69
C THR B 117 2.42 -2.70 -14.58
N VAL B 118 3.25 -3.06 -13.61
CA VAL B 118 4.54 -2.43 -13.39
C VAL B 118 5.62 -3.48 -13.64
N SER B 119 6.57 -3.16 -14.51
CA SER B 119 7.64 -4.08 -14.87
C SER B 119 8.84 -3.89 -13.95
N SER B 120 9.59 -4.98 -13.76
CA SER B 120 10.80 -4.97 -12.95
C SER B 120 12.04 -5.33 -13.76
N LEU B 121 11.97 -5.25 -15.09
CA LEU B 121 13.10 -5.62 -15.92
C LEU B 121 14.22 -4.59 -15.82
N GLU B 122 15.42 -5.02 -16.18
CA GLU B 122 16.59 -4.16 -16.21
C GLU B 122 17.13 -4.05 -17.63
N HIS B 123 17.73 -2.91 -17.93
CA HIS B 123 18.25 -2.65 -19.27
C HIS B 123 19.62 -1.99 -19.15
N HIS B 124 20.40 -2.13 -20.22
CA HIS B 124 21.73 -1.54 -20.29
C HIS B 124 22.61 -2.00 -19.13
N GLU C 59 33.64 41.62 -26.66
CA GLU C 59 32.22 41.35 -26.99
C GLU C 59 31.44 40.97 -25.72
N HIS C 60 30.12 41.16 -25.78
CA HIS C 60 29.24 40.86 -24.65
C HIS C 60 27.87 40.43 -25.17
N PRO C 61 27.77 39.20 -25.66
CA PRO C 61 26.48 38.73 -26.18
C PRO C 61 25.47 38.51 -25.07
N ASP C 62 24.20 38.67 -25.41
CA ASP C 62 23.14 38.50 -24.43
C ASP C 62 23.06 37.04 -24.00
N LYS C 63 22.72 36.84 -22.73
CA LYS C 63 22.64 35.49 -22.15
C LYS C 63 23.97 34.76 -22.30
N LEU C 64 25.06 35.47 -21.95
CA LEU C 64 26.38 34.89 -22.08
C LEU C 64 26.50 33.59 -21.29
N GLU C 65 25.94 33.56 -20.08
CA GLU C 65 25.99 32.35 -19.27
C GLU C 65 25.29 31.18 -19.94
N GLU C 66 24.28 31.44 -20.78
CA GLU C 66 23.57 30.39 -21.49
C GLU C 66 24.15 30.10 -22.87
N LYS C 67 24.91 31.04 -23.45
CA LYS C 67 25.51 30.80 -24.76
C LYS C 67 26.87 30.11 -24.64
N PHE C 68 27.60 30.36 -23.55
CA PHE C 68 28.91 29.76 -23.39
C PHE C 68 28.88 28.25 -23.38
N PRO C 69 27.96 27.58 -22.65
CA PRO C 69 27.99 26.11 -22.65
C PRO C 69 27.80 25.49 -24.03
N GLN C 70 26.78 25.93 -24.78
CA GLN C 70 26.53 25.34 -26.09
C GLN C 70 27.67 25.60 -27.06
N VAL C 71 28.35 26.73 -26.93
CA VAL C 71 29.45 27.07 -27.82
C VAL C 71 30.73 26.32 -27.42
N ALA C 72 31.07 26.36 -26.14
CA ALA C 72 32.26 25.68 -25.65
C ALA C 72 32.07 24.17 -25.68
N PRO C 78 34.43 31.76 -26.61
CA PRO C 78 35.42 32.81 -26.36
C PRO C 78 36.68 32.30 -25.68
N ASP C 79 37.78 33.04 -25.82
CA ASP C 79 39.03 32.63 -25.20
C ASP C 79 39.05 32.95 -23.70
N ILE C 80 38.54 34.12 -23.32
CA ILE C 80 38.47 34.55 -21.93
C ILE C 80 37.04 34.98 -21.65
N ILE C 81 36.48 34.49 -20.55
CA ILE C 81 35.11 34.75 -20.15
C ILE C 81 35.11 35.42 -18.78
N PHE C 82 34.45 36.56 -18.68
CA PHE C 82 34.31 37.29 -17.43
C PHE C 82 32.86 37.16 -16.95
N TRP C 83 32.68 36.45 -15.83
CA TRP C 83 31.35 36.23 -15.29
C TRP C 83 31.50 35.73 -13.86
N ALA C 84 30.38 35.74 -13.13
CA ALA C 84 30.39 35.28 -11.75
C ALA C 84 30.93 33.85 -11.66
N HIS C 85 31.62 33.56 -10.55
CA HIS C 85 32.25 32.26 -10.38
C HIS C 85 31.22 31.15 -10.21
N ASP C 86 30.02 31.46 -9.74
CA ASP C 86 29.01 30.43 -9.50
C ASP C 86 28.75 29.61 -10.76
N ARG C 87 28.94 30.20 -11.94
CA ARG C 87 28.76 29.46 -13.18
C ARG C 87 30.00 28.66 -13.54
N PHE C 88 31.19 29.22 -13.31
CA PHE C 88 32.43 28.55 -13.71
C PHE C 88 32.48 27.13 -13.17
N GLY C 89 32.00 26.91 -11.94
CA GLY C 89 31.96 25.56 -11.41
C GLY C 89 31.35 24.57 -12.37
N GLY C 90 30.15 24.85 -12.87
CA GLY C 90 29.54 23.97 -13.85
C GLY C 90 30.40 23.77 -15.08
N TYR C 91 31.04 24.84 -15.55
CA TYR C 91 31.94 24.70 -16.70
C TYR C 91 33.08 23.74 -16.41
N ALA C 92 33.52 23.68 -15.15
CA ALA C 92 34.57 22.75 -14.78
C ALA C 92 34.07 21.33 -14.64
N GLN C 93 32.75 21.13 -14.54
CA GLN C 93 32.22 19.78 -14.40
C GLN C 93 32.33 19.00 -15.70
N SER C 94 32.09 19.67 -16.84
CA SER C 94 32.18 19.02 -18.14
C SER C 94 33.53 19.18 -18.80
N GLY C 95 34.33 20.15 -18.37
CA GLY C 95 35.66 20.34 -18.92
C GLY C 95 35.70 21.41 -19.99
N LEU C 96 35.07 22.55 -19.74
CA LEU C 96 35.05 23.65 -20.68
C LEU C 96 36.16 24.67 -20.42
N LEU C 97 36.52 24.86 -19.15
CA LEU C 97 37.55 25.82 -18.76
C LEU C 97 38.90 25.12 -18.70
N ALA C 98 39.93 25.77 -19.22
CA ALA C 98 41.26 25.21 -19.20
C ALA C 98 41.91 25.44 -17.84
N GLU C 99 42.56 24.41 -17.31
CA GLU C 99 43.23 24.49 -16.00
C GLU C 99 44.55 25.23 -16.18
N ILE C 100 44.50 26.55 -16.06
CA ILE C 100 45.69 27.38 -16.19
C ILE C 100 46.50 27.28 -14.90
N THR C 101 47.81 27.24 -15.03
CA THR C 101 48.69 27.13 -13.87
C THR C 101 49.00 28.53 -13.33
N PRO C 102 48.56 28.88 -12.12
CA PRO C 102 48.85 30.22 -11.59
C PRO C 102 50.27 30.29 -11.05
N ASP C 103 50.64 31.48 -10.59
CA ASP C 103 51.94 31.75 -10.02
C ASP C 103 51.79 32.46 -8.68
N LYS C 104 52.82 32.34 -7.84
CA LYS C 104 52.78 32.96 -6.52
C LYS C 104 52.73 34.47 -6.61
N ALA C 105 53.33 35.06 -7.66
CA ALA C 105 53.34 36.51 -7.79
C ALA C 105 51.92 37.06 -7.93
N PHE C 106 51.05 36.38 -8.68
CA PHE C 106 49.68 36.85 -8.84
C PHE C 106 48.82 36.53 -7.61
N GLN C 107 49.12 35.44 -6.91
CA GLN C 107 48.34 35.09 -5.73
C GLN C 107 48.65 36.01 -4.56
N ASP C 108 49.91 36.46 -4.45
CA ASP C 108 50.29 37.31 -3.32
C ASP C 108 49.68 38.70 -3.45
N LYS C 109 49.59 39.24 -4.66
CA LYS C 109 49.08 40.58 -4.86
C LYS C 109 47.56 40.67 -4.73
N LEU C 110 46.86 39.54 -4.69
CA LEU C 110 45.41 39.51 -4.57
C LEU C 110 45.01 39.01 -3.19
N TYR C 111 43.75 39.27 -2.84
CA TYR C 111 43.27 38.93 -1.52
C TYR C 111 43.07 37.41 -1.40
N PRO C 112 43.15 36.86 -0.20
CA PRO C 112 42.99 35.40 -0.07
C PRO C 112 41.54 34.95 -0.12
N PHE C 113 40.61 35.77 0.39
CA PHE C 113 39.20 35.37 0.40
C PHE C 113 38.66 35.22 -1.02
N THR C 114 39.15 36.01 -1.96
CA THR C 114 38.75 35.83 -3.35
C THR C 114 39.21 34.48 -3.89
N TRP C 115 40.44 34.08 -3.57
CA TRP C 115 40.91 32.77 -3.98
C TRP C 115 40.08 31.67 -3.35
N ASP C 116 39.75 31.81 -2.05
CA ASP C 116 38.92 30.82 -1.39
C ASP C 116 37.55 30.73 -2.05
N ALA C 117 37.00 31.87 -2.46
CA ALA C 117 35.69 31.86 -3.13
C ALA C 117 35.78 31.16 -4.48
N VAL C 118 36.76 31.53 -5.31
CA VAL C 118 36.91 30.92 -6.63
C VAL C 118 37.50 29.52 -6.55
N ARG C 119 37.91 29.07 -5.36
CA ARG C 119 38.46 27.73 -5.22
C ARG C 119 37.37 26.69 -5.44
N TYR C 120 37.76 25.58 -6.07
CA TYR C 120 36.81 24.49 -6.34
C TYR C 120 37.59 23.19 -6.42
N ASN C 121 37.26 22.25 -5.54
CA ASN C 121 37.91 20.94 -5.48
C ASN C 121 39.40 21.05 -5.20
N GLY C 122 39.84 22.14 -4.58
CA GLY C 122 41.24 22.29 -4.23
C GLY C 122 42.13 22.76 -5.36
N LYS C 123 41.55 23.28 -6.44
CA LYS C 123 42.32 23.77 -7.58
C LYS C 123 41.81 25.13 -8.00
N LEU C 124 42.74 25.98 -8.46
CA LEU C 124 42.41 27.34 -8.88
C LEU C 124 41.97 27.30 -10.34
N ILE C 125 40.78 27.86 -10.61
CA ILE C 125 40.23 27.86 -11.96
C ILE C 125 40.70 29.10 -12.71
N ALA C 126 40.34 30.27 -12.19
CA ALA C 126 40.66 31.53 -12.86
C ALA C 126 41.10 32.55 -11.80
N TYR C 127 41.51 33.72 -12.29
CA TYR C 127 41.97 34.80 -11.42
C TYR C 127 40.81 35.72 -11.08
N PRO C 128 40.49 35.94 -9.80
CA PRO C 128 39.42 36.88 -9.47
C PRO C 128 39.71 38.28 -10.02
N ILE C 129 38.64 39.04 -10.23
CA ILE C 129 38.73 40.40 -10.75
C ILE C 129 38.26 41.41 -9.72
N ALA C 130 37.02 41.31 -9.27
CA ALA C 130 36.49 42.24 -8.28
C ALA C 130 35.31 41.58 -7.58
N VAL C 131 34.97 42.13 -6.41
CA VAL C 131 33.86 41.64 -5.60
C VAL C 131 32.71 42.63 -5.74
N GLU C 132 31.50 42.11 -5.95
CA GLU C 132 30.32 42.92 -6.17
C GLU C 132 29.17 42.39 -5.32
N ALA C 133 28.41 43.31 -4.71
CA ALA C 133 27.29 42.94 -3.86
C ALA C 133 26.19 43.98 -4.01
N LEU C 134 24.96 43.54 -3.81
CA LEU C 134 23.82 44.43 -3.95
C LEU C 134 23.72 45.39 -2.78
N SER C 135 23.31 46.62 -3.08
CA SER C 135 23.14 47.66 -2.06
C SER C 135 21.93 48.51 -2.41
N LEU C 136 21.34 49.12 -1.38
CA LEU C 136 20.16 49.96 -1.56
C LEU C 136 20.61 51.34 -1.99
N ILE C 137 20.36 51.69 -3.25
CA ILE C 137 20.70 53.00 -3.79
C ILE C 137 19.46 53.87 -3.72
N TYR C 138 19.54 54.96 -2.96
CA TYR C 138 18.43 55.88 -2.79
C TYR C 138 18.87 57.28 -3.18
N ASN C 139 17.90 58.08 -3.65
CA ASN C 139 18.16 59.45 -4.07
C ASN C 139 17.91 60.39 -2.91
N LYS C 140 18.90 61.23 -2.59
CA LYS C 140 18.75 62.17 -1.49
C LYS C 140 17.64 63.18 -1.74
N ASP C 141 17.31 63.43 -3.01
CA ASP C 141 16.30 64.42 -3.32
C ASP C 141 14.89 63.96 -2.96
N LEU C 142 14.68 62.66 -2.78
CA LEU C 142 13.36 62.11 -2.49
C LEU C 142 13.14 61.85 -1.01
N LEU C 143 14.12 61.23 -0.33
CA LEU C 143 14.01 60.92 1.08
C LEU C 143 15.34 61.23 1.76
N PRO C 144 15.32 61.83 2.95
CA PRO C 144 16.60 62.15 3.61
C PRO C 144 17.32 60.93 4.16
N ASN C 145 16.59 60.01 4.80
CA ASN C 145 17.17 58.82 5.39
C ASN C 145 16.54 57.58 4.77
N PRO C 146 17.32 56.55 4.45
CA PRO C 146 16.74 55.36 3.84
C PRO C 146 16.06 54.50 4.90
N PRO C 147 15.00 53.76 4.52
CA PRO C 147 14.37 52.87 5.49
C PRO C 147 15.33 51.78 5.94
N LYS C 148 15.17 51.35 7.19
CA LYS C 148 16.01 50.31 7.77
C LYS C 148 15.32 48.97 7.88
N THR C 149 14.00 48.92 7.67
CA THR C 149 13.24 47.67 7.77
C THR C 149 12.31 47.55 6.57
N TRP C 150 12.18 46.32 6.07
CA TRP C 150 11.33 46.08 4.90
C TRP C 150 9.86 46.41 5.22
N GLU C 151 9.41 46.11 6.44
CA GLU C 151 8.03 46.37 6.80
C GLU C 151 7.69 47.86 6.68
N GLU C 152 8.70 48.72 6.73
CA GLU C 152 8.48 50.16 6.63
C GLU C 152 8.47 50.66 5.19
N ILE C 153 8.80 49.81 4.22
CA ILE C 153 8.86 50.23 2.82
C ILE C 153 7.45 50.41 2.27
N PRO C 154 6.52 49.48 2.50
CA PRO C 154 5.15 49.68 1.99
C PRO C 154 4.51 50.97 2.47
N ALA C 155 4.88 51.48 3.64
CA ALA C 155 4.30 52.73 4.13
C ALA C 155 4.87 53.93 3.38
N LEU C 156 6.19 54.12 3.47
CA LEU C 156 6.82 55.25 2.80
C LEU C 156 6.36 55.36 1.35
N ASP C 157 6.27 54.22 0.66
CA ASP C 157 5.82 54.23 -0.72
C ASP C 157 4.48 54.94 -0.86
N LYS C 158 3.46 54.51 -0.11
CA LYS C 158 2.15 55.11 -0.23
C LYS C 158 2.13 56.56 0.24
N GLU C 159 3.21 57.05 0.85
CA GLU C 159 3.31 58.44 1.23
C GLU C 159 3.83 59.32 0.10
N LEU C 160 4.46 58.73 -0.92
CA LEU C 160 4.95 59.48 -2.08
C LEU C 160 4.01 59.40 -3.27
N LYS C 161 3.56 58.20 -3.62
CA LYS C 161 2.65 58.02 -4.74
C LYS C 161 1.21 58.28 -4.32
N LEU C 168 10.19 51.72 -3.83
CA LEU C 168 11.17 50.70 -4.18
C LEU C 168 10.78 50.03 -5.50
N MET C 169 11.78 49.81 -6.36
CA MET C 169 11.55 49.16 -7.64
C MET C 169 12.88 48.62 -8.16
N PHE C 170 12.98 47.30 -8.29
CA PHE C 170 14.19 46.67 -8.78
C PHE C 170 13.86 45.63 -9.85
N ASN C 171 14.85 44.86 -10.28
CA ASN C 171 14.65 43.84 -11.31
C ASN C 171 13.93 42.63 -10.70
N LEU C 172 12.67 42.43 -11.10
CA LEU C 172 11.92 41.27 -10.66
C LEU C 172 12.13 40.05 -11.55
N GLN C 173 12.73 40.23 -12.73
CA GLN C 173 12.97 39.09 -13.63
C GLN C 173 14.13 38.25 -13.13
N GLU C 174 15.29 38.86 -12.97
CA GLU C 174 16.47 38.13 -12.51
C GLU C 174 16.28 37.71 -11.06
N PRO C 175 16.49 36.44 -10.71
CA PRO C 175 16.30 36.03 -9.30
C PRO C 175 17.38 36.53 -8.36
N TYR C 176 18.52 37.01 -8.89
CA TYR C 176 19.61 37.44 -8.03
C TYR C 176 19.24 38.69 -7.23
N PHE C 177 18.40 39.55 -7.79
CA PHE C 177 18.03 40.78 -7.10
C PHE C 177 16.99 40.53 -6.02
N THR C 178 16.16 39.51 -6.19
CA THR C 178 15.10 39.22 -5.22
C THR C 178 15.49 38.15 -4.22
N TRP C 179 16.56 37.40 -4.47
CA TRP C 179 16.97 36.37 -3.51
C TRP C 179 17.32 36.94 -2.14
N PRO C 180 17.91 38.13 -2.00
CA PRO C 180 18.17 38.66 -0.66
C PRO C 180 16.92 38.76 0.20
N LEU C 181 15.82 39.24 -0.38
CA LEU C 181 14.57 39.34 0.38
C LEU C 181 14.10 37.97 0.86
N ILE C 182 14.24 36.94 0.01
CA ILE C 182 13.79 35.60 0.39
C ILE C 182 14.68 35.05 1.49
N ALA C 183 16.00 35.20 1.36
CA ALA C 183 16.94 34.68 2.33
C ALA C 183 17.07 35.58 3.56
N ALA C 184 16.43 36.74 3.58
CA ALA C 184 16.53 37.63 4.73
C ALA C 184 16.00 36.96 5.98
N ASP C 185 14.85 36.29 5.88
CA ASP C 185 14.21 35.65 7.02
C ASP C 185 14.82 34.28 7.34
N GLY C 186 15.95 33.93 6.74
CA GLY C 186 16.62 32.67 7.00
C GLY C 186 16.60 31.68 5.85
N GLY C 187 16.13 32.08 4.67
CA GLY C 187 16.15 31.15 3.55
C GLY C 187 17.56 30.82 3.12
N TYR C 188 17.80 29.55 2.85
CA TYR C 188 19.13 29.07 2.47
C TYR C 188 18.99 27.92 1.49
N ALA C 189 20.09 27.61 0.83
CA ALA C 189 20.14 26.50 -0.13
C ALA C 189 21.56 25.95 -0.14
N PHE C 190 21.68 24.63 -0.11
CA PHE C 190 22.97 23.95 -0.05
C PHE C 190 23.76 24.39 1.18
N LYS C 191 23.20 24.07 2.34
CA LYS C 191 23.78 24.49 3.62
C LYS C 191 25.25 24.09 3.68
N TYR C 192 26.09 25.05 4.05
CA TYR C 192 27.54 24.84 4.15
C TYR C 192 27.84 24.43 5.59
N GLU C 193 27.83 23.12 5.83
CA GLU C 193 28.07 22.56 7.16
C GLU C 193 29.30 21.66 7.11
N ASN C 194 30.08 21.68 8.19
CA ASN C 194 31.28 20.84 8.32
C ASN C 194 32.27 21.11 7.20
N GLY C 195 32.27 22.35 6.67
CA GLY C 195 33.21 22.71 5.63
C GLY C 195 32.85 22.22 4.25
N LYS C 196 31.64 21.73 4.03
CA LYS C 196 31.22 21.22 2.74
C LYS C 196 29.75 21.54 2.52
N TYR C 197 29.36 21.62 1.25
CA TYR C 197 27.97 21.89 0.90
C TYR C 197 27.16 20.61 0.92
N ASP C 198 25.93 20.72 1.44
CA ASP C 198 25.01 19.58 1.53
C ASP C 198 24.01 19.70 0.38
N ILE C 199 24.23 18.91 -0.68
CA ILE C 199 23.35 18.98 -1.84
C ILE C 199 21.96 18.48 -1.49
N LYS C 200 21.88 17.41 -0.71
CA LYS C 200 20.58 16.84 -0.37
C LYS C 200 19.78 17.77 0.54
N ASP C 201 20.45 18.59 1.33
CA ASP C 201 19.79 19.50 2.27
C ASP C 201 19.48 20.80 1.54
N VAL C 202 18.29 20.88 0.96
CA VAL C 202 17.82 22.07 0.25
C VAL C 202 16.69 22.66 1.10
N GLY C 203 16.97 23.76 1.78
CA GLY C 203 16.00 24.38 2.67
C GLY C 203 15.33 25.60 2.08
N VAL C 204 15.05 25.56 0.77
CA VAL C 204 14.37 26.68 0.12
C VAL C 204 12.88 26.72 0.41
N ASP C 205 12.35 25.70 1.09
CA ASP C 205 10.94 25.66 1.47
C ASP C 205 10.74 25.94 2.96
N ASN C 206 11.77 26.41 3.66
CA ASN C 206 11.66 26.67 5.08
C ASN C 206 10.72 27.86 5.32
N ALA C 207 10.50 28.17 6.59
CA ALA C 207 9.60 29.28 6.93
C ALA C 207 10.17 30.62 6.50
N GLY C 208 11.50 30.76 6.49
CA GLY C 208 12.09 32.02 6.08
C GLY C 208 11.82 32.35 4.63
N ALA C 209 12.10 31.40 3.73
CA ALA C 209 11.82 31.62 2.31
C ALA C 209 10.33 31.80 2.07
N LYS C 210 9.50 31.06 2.80
CA LYS C 210 8.05 31.22 2.68
C LYS C 210 7.64 32.64 3.00
N ALA C 211 8.09 33.16 4.15
CA ALA C 211 7.76 34.52 4.55
C ALA C 211 8.28 35.54 3.53
N GLY C 212 9.52 35.34 3.07
CA GLY C 212 10.07 36.27 2.09
C GLY C 212 9.25 36.32 0.82
N LEU C 213 8.89 35.14 0.28
CA LEU C 213 8.19 35.10 -0.99
C LEU C 213 6.76 35.61 -0.85
N THR C 214 6.10 35.32 0.28
CA THR C 214 4.75 35.85 0.48
C THR C 214 4.78 37.36 0.66
N PHE C 215 5.79 37.89 1.34
CA PHE C 215 5.93 39.34 1.45
C PHE C 215 6.17 39.95 0.08
N LEU C 216 6.99 39.29 -0.76
CA LEU C 216 7.25 39.79 -2.10
C LEU C 216 5.97 39.84 -2.92
N VAL C 217 5.19 38.75 -2.91
CA VAL C 217 3.98 38.72 -3.72
C VAL C 217 2.94 39.69 -3.17
N ASP C 218 2.93 39.91 -1.85
CA ASP C 218 2.01 40.90 -1.29
C ASP C 218 2.39 42.31 -1.74
N LEU C 219 3.68 42.65 -1.69
CA LEU C 219 4.12 43.94 -2.21
C LEU C 219 3.80 44.09 -3.68
N ILE C 220 3.92 43.00 -4.46
CA ILE C 220 3.59 43.06 -5.87
C ILE C 220 2.10 43.30 -6.06
N LYS C 221 1.27 42.71 -5.20
CA LYS C 221 -0.17 42.86 -5.34
C LYS C 221 -0.67 44.21 -4.84
N ASN C 222 0.08 44.84 -3.93
CA ASN C 222 -0.32 46.12 -3.34
C ASN C 222 0.04 47.31 -4.22
N LYS C 223 0.37 47.08 -5.49
CA LYS C 223 0.67 48.15 -6.43
C LYS C 223 1.89 48.95 -5.97
N HIS C 224 2.99 48.23 -5.73
CA HIS C 224 4.27 48.83 -5.35
C HIS C 224 5.37 48.59 -6.36
N MET C 225 5.40 47.40 -6.97
CA MET C 225 6.39 47.05 -7.98
C MET C 225 5.70 46.35 -9.14
N ASN C 226 6.12 46.67 -10.36
CA ASN C 226 5.53 46.07 -11.54
C ASN C 226 5.95 44.61 -11.68
N ALA C 227 5.08 43.81 -12.28
CA ALA C 227 5.33 42.40 -12.49
C ALA C 227 6.10 42.10 -13.77
N ASP C 228 6.35 43.11 -14.60
CA ASP C 228 7.07 42.93 -15.85
C ASP C 228 8.33 43.78 -15.93
N THR C 229 8.59 44.63 -14.94
CA THR C 229 9.78 45.47 -14.97
C THR C 229 11.04 44.63 -14.93
N ASP C 230 12.13 45.20 -15.44
CA ASP C 230 13.42 44.52 -15.49
C ASP C 230 14.50 45.54 -15.13
N TYR C 231 15.76 45.14 -15.31
CA TYR C 231 16.86 46.03 -14.99
C TYR C 231 16.82 47.30 -15.83
N SER C 232 16.50 47.17 -17.11
CA SER C 232 16.48 48.33 -17.99
C SER C 232 15.41 49.34 -17.57
N ILE C 233 14.20 48.86 -17.30
CA ILE C 233 13.12 49.76 -16.92
C ILE C 233 13.41 50.39 -15.56
N ALA C 234 13.93 49.61 -14.61
CA ALA C 234 14.26 50.15 -13.30
C ALA C 234 15.33 51.23 -13.42
N GLU C 235 16.35 50.99 -14.26
CA GLU C 235 17.40 51.98 -14.45
C GLU C 235 16.85 53.25 -15.10
N ALA C 236 16.02 53.10 -16.13
CA ALA C 236 15.43 54.26 -16.78
C ALA C 236 14.55 55.05 -15.84
N ALA C 237 13.86 54.38 -14.93
CA ALA C 237 13.01 55.07 -13.97
C ALA C 237 13.82 55.75 -12.87
N PHE C 238 14.91 55.13 -12.42
CA PHE C 238 15.72 55.73 -11.37
C PHE C 238 16.50 56.93 -11.90
N ASN C 239 17.06 56.81 -13.11
CA ASN C 239 17.81 57.94 -13.67
C ASN C 239 16.91 59.14 -13.89
N LYS C 240 15.65 58.90 -14.24
CA LYS C 240 14.69 59.98 -14.47
C LYS C 240 14.10 60.55 -13.18
N GLY C 241 14.49 60.01 -12.03
CA GLY C 241 13.96 60.51 -10.77
C GLY C 241 12.56 60.04 -10.44
N GLU C 242 12.09 58.96 -11.07
CA GLU C 242 10.75 58.46 -10.80
C GLU C 242 10.72 57.62 -9.53
N THR C 243 11.55 56.58 -9.47
CA THR C 243 11.59 55.71 -8.30
C THR C 243 12.37 56.38 -7.18
N ALA C 244 11.99 56.05 -5.94
CA ALA C 244 12.64 56.62 -4.78
C ALA C 244 13.95 55.90 -4.46
N MET C 245 13.95 54.58 -4.55
CA MET C 245 15.14 53.79 -4.25
C MET C 245 15.07 52.48 -5.02
N THR C 246 16.24 51.84 -5.15
CA THR C 246 16.34 50.56 -5.85
C THR C 246 17.44 49.74 -5.19
N ILE C 247 17.62 48.53 -5.68
CA ILE C 247 18.63 47.60 -5.18
C ILE C 247 19.56 47.29 -6.35
N ASN C 248 20.79 47.82 -6.29
CA ASN C 248 21.74 47.65 -7.37
C ASN C 248 23.15 47.52 -6.80
N GLY C 249 24.04 46.94 -7.59
CA GLY C 249 25.41 46.71 -7.18
C GLY C 249 26.36 47.74 -7.75
N PRO C 250 27.67 47.48 -7.64
CA PRO C 250 28.65 48.44 -8.15
C PRO C 250 28.54 48.71 -9.64
N TRP C 251 27.99 47.78 -10.42
CA TRP C 251 27.91 47.98 -11.87
C TRP C 251 27.00 49.14 -12.23
N ALA C 252 26.10 49.53 -11.32
CA ALA C 252 25.17 50.62 -11.59
C ALA C 252 25.73 52.00 -11.25
N TRP C 253 26.87 52.05 -10.55
CA TRP C 253 27.42 53.35 -10.17
C TRP C 253 27.93 54.13 -11.37
N SER C 254 28.49 53.43 -12.37
CA SER C 254 29.05 54.11 -13.53
C SER C 254 27.99 54.86 -14.31
N ASN C 255 26.78 54.31 -14.39
CA ASN C 255 25.71 54.97 -15.15
C ASN C 255 25.03 56.06 -14.34
N ILE C 256 24.74 55.79 -13.07
CA ILE C 256 24.08 56.77 -12.21
C ILE C 256 25.04 57.91 -11.91
N TYR C 263 23.33 61.33 -4.96
CA TYR C 263 22.59 60.21 -4.42
C TYR C 263 23.34 59.55 -3.28
N GLY C 264 22.82 58.42 -2.80
CA GLY C 264 23.48 57.71 -1.71
C GLY C 264 23.21 56.22 -1.83
N VAL C 265 24.05 55.45 -1.13
CA VAL C 265 23.94 54.00 -1.12
C VAL C 265 24.08 53.53 0.33
N THR C 266 23.36 52.47 0.68
CA THR C 266 23.36 51.95 2.03
C THR C 266 23.13 50.44 1.98
N VAL C 267 23.08 49.83 3.17
CA VAL C 267 22.83 48.40 3.25
C VAL C 267 21.36 48.11 3.00
N LEU C 268 21.06 46.85 2.70
CA LEU C 268 19.68 46.45 2.46
C LEU C 268 18.89 46.49 3.77
N PRO C 269 17.61 46.86 3.75
CA PRO C 269 16.84 46.87 4.99
C PRO C 269 16.67 45.48 5.57
N THR C 270 16.38 45.45 6.87
CA THR C 270 16.17 44.19 7.57
C THR C 270 14.72 43.73 7.40
N PHE C 271 14.52 42.42 7.55
CA PHE C 271 13.20 41.80 7.41
C PHE C 271 12.92 40.97 8.65
N LYS C 272 11.86 41.32 9.38
CA LYS C 272 11.46 40.61 10.59
C LYS C 272 12.62 40.55 11.58
N GLY C 273 13.39 41.63 11.67
CA GLY C 273 14.50 41.73 12.59
C GLY C 273 15.79 41.11 12.10
N GLN C 274 15.73 40.15 11.17
CA GLN C 274 16.95 39.53 10.67
C GLN C 274 17.51 40.32 9.50
N PRO C 275 18.83 40.38 9.33
CA PRO C 275 19.40 41.15 8.23
C PRO C 275 19.28 40.43 6.90
N SER C 276 19.28 41.20 5.83
CA SER C 276 19.23 40.62 4.49
C SER C 276 20.55 39.96 4.16
N LYS C 277 20.48 38.75 3.60
CA LYS C 277 21.67 37.96 3.25
C LYS C 277 21.81 37.87 1.74
N PRO C 278 22.35 38.90 1.08
CA PRO C 278 22.53 38.83 -0.37
C PRO C 278 23.75 38.01 -0.76
N PHE C 279 23.70 37.48 -1.98
CA PHE C 279 24.83 36.72 -2.50
C PHE C 279 25.94 37.67 -2.96
N VAL C 280 27.18 37.21 -2.78
CA VAL C 280 28.37 37.98 -3.15
C VAL C 280 28.92 37.38 -4.45
N GLY C 281 28.93 38.19 -5.51
CA GLY C 281 29.42 37.73 -6.79
C GLY C 281 30.85 38.14 -7.07
N VAL C 282 31.77 37.20 -6.92
CA VAL C 282 33.19 37.47 -7.20
C VAL C 282 33.46 37.14 -8.65
N LEU C 283 33.74 38.17 -9.45
CA LEU C 283 34.04 37.97 -10.86
C LEU C 283 35.45 37.43 -11.05
N SER C 284 35.59 36.51 -11.99
CA SER C 284 36.89 35.90 -12.29
C SER C 284 37.00 35.69 -13.80
N ALA C 285 38.23 35.60 -14.27
CA ALA C 285 38.50 35.42 -15.69
C ALA C 285 38.07 34.02 -16.13
N ASP C 335 36.10 54.47 0.55
CA ASP C 335 34.93 55.17 0.02
C ASP C 335 33.65 54.69 0.69
N PRO C 336 32.64 55.56 0.78
CA PRO C 336 31.38 55.12 1.41
C PRO C 336 30.65 54.06 0.61
N ARG C 337 30.67 54.15 -0.72
CA ARG C 337 29.99 53.15 -1.55
C ARG C 337 30.66 51.79 -1.41
N ILE C 338 31.99 51.74 -1.48
CA ILE C 338 32.70 50.49 -1.30
C ILE C 338 32.47 49.95 0.11
N ALA C 339 32.38 50.85 1.09
CA ALA C 339 32.11 50.41 2.46
C ALA C 339 30.74 49.75 2.56
N ALA C 340 29.71 50.37 1.97
CA ALA C 340 28.38 49.78 1.99
C ALA C 340 28.36 48.45 1.25
N THR C 341 29.08 48.36 0.12
CA THR C 341 29.14 47.11 -0.62
C THR C 341 29.77 46.01 0.22
N MET C 342 30.90 46.32 0.88
CA MET C 342 31.56 45.32 1.71
C MET C 342 30.70 44.92 2.90
N GLU C 343 29.94 45.87 3.45
CA GLU C 343 29.05 45.53 4.57
C GLU C 343 27.93 44.60 4.10
N ASN C 344 27.32 44.90 2.95
CA ASN C 344 26.30 44.00 2.41
C ASN C 344 26.89 42.63 2.11
N ALA C 345 28.15 42.58 1.65
CA ALA C 345 28.77 41.31 1.34
C ALA C 345 29.01 40.49 2.60
N GLN C 346 29.63 41.10 3.62
CA GLN C 346 29.93 40.36 4.84
C GLN C 346 28.65 39.97 5.58
N LYS C 347 27.59 40.77 5.47
CA LYS C 347 26.32 40.39 6.05
C LYS C 347 25.63 39.26 5.28
N GLY C 348 26.11 38.93 4.09
CA GLY C 348 25.58 37.85 3.28
C GLY C 348 26.50 36.66 3.24
N GLU C 349 26.48 35.94 2.12
CA GLU C 349 27.32 34.77 1.93
C GLU C 349 27.75 34.70 0.46
N ILE C 350 28.89 34.04 0.24
CA ILE C 350 29.41 33.88 -1.11
C ILE C 350 28.66 32.74 -1.81
N MET C 351 28.42 32.90 -3.10
CA MET C 351 27.68 31.89 -3.84
C MET C 351 28.48 30.57 -3.88
N PRO C 352 27.79 29.44 -3.76
CA PRO C 352 28.50 28.15 -3.91
C PRO C 352 29.05 27.99 -5.31
N ASN C 353 30.17 27.29 -5.41
CA ASN C 353 30.82 27.02 -6.69
C ASN C 353 30.53 25.61 -7.20
N ILE C 354 29.36 25.06 -6.89
CA ILE C 354 29.01 23.69 -7.27
C ILE C 354 28.33 23.72 -8.64
N PRO C 355 28.39 22.63 -9.41
CA PRO C 355 27.74 22.65 -10.73
C PRO C 355 26.23 22.82 -10.67
N GLN C 356 25.60 22.38 -9.59
CA GLN C 356 24.14 22.43 -9.49
C GLN C 356 23.60 23.86 -9.48
N MET C 357 24.45 24.86 -9.22
CA MET C 357 23.97 26.24 -9.21
C MET C 357 23.23 26.60 -10.49
N SER C 358 23.78 26.22 -11.64
CA SER C 358 23.14 26.54 -12.91
C SER C 358 21.67 26.13 -12.90
N ALA C 359 21.36 25.00 -12.26
CA ALA C 359 19.96 24.59 -12.14
C ALA C 359 19.25 25.39 -11.05
N PHE C 360 19.86 25.49 -9.88
CA PHE C 360 19.21 26.13 -8.74
C PHE C 360 18.62 27.48 -9.15
N TRP C 361 19.48 28.41 -9.59
CA TRP C 361 18.98 29.70 -10.03
C TRP C 361 17.81 29.56 -10.98
N TYR C 362 17.96 28.75 -12.03
CA TYR C 362 16.86 28.54 -12.96
C TYR C 362 15.57 28.23 -12.21
N ALA C 363 15.60 27.21 -11.36
CA ALA C 363 14.43 26.89 -10.54
C ALA C 363 13.91 28.14 -9.86
N VAL C 364 14.75 28.81 -9.08
CA VAL C 364 14.34 30.04 -8.40
C VAL C 364 13.71 30.99 -9.40
N ARG C 365 14.39 31.21 -10.54
CA ARG C 365 13.83 32.10 -11.56
C ARG C 365 12.40 31.72 -11.87
N THR C 366 12.16 30.45 -12.20
CA THR C 366 10.80 30.01 -12.50
C THR C 366 9.85 30.41 -11.37
N ALA C 367 10.24 30.09 -10.13
CA ALA C 367 9.41 30.46 -9.00
C ALA C 367 9.03 31.94 -9.05
N VAL C 368 10.02 32.81 -9.27
CA VAL C 368 9.73 34.23 -9.38
C VAL C 368 8.74 34.48 -10.51
N ILE C 369 9.00 33.90 -11.68
CA ILE C 369 8.09 34.06 -12.82
C ILE C 369 6.73 33.49 -12.48
N ASN C 370 6.70 32.48 -11.59
CA ASN C 370 5.44 31.89 -11.18
C ASN C 370 4.85 32.58 -9.95
N ALA C 371 5.62 33.42 -9.28
CA ALA C 371 5.17 34.11 -8.08
C ALA C 371 4.81 35.56 -8.34
N ALA C 372 5.70 36.31 -9.02
CA ALA C 372 5.43 37.72 -9.28
C ALA C 372 4.23 37.89 -10.21
N SER C 373 4.18 37.11 -11.30
CA SER C 373 3.10 37.21 -12.25
C SER C 373 1.76 36.72 -11.70
N GLY C 374 1.77 36.05 -10.55
CA GLY C 374 0.54 35.54 -9.97
C GLY C 374 -0.01 34.31 -10.64
N ARG C 375 0.86 33.49 -11.24
CA ARG C 375 0.40 32.28 -11.91
C ARG C 375 0.01 31.19 -10.92
N GLN C 376 0.62 31.19 -9.73
CA GLN C 376 0.33 30.19 -8.72
C GLN C 376 0.65 30.78 -7.35
N THR C 377 0.43 29.98 -6.31
CA THR C 377 0.65 30.42 -4.94
C THR C 377 2.11 30.26 -4.56
N VAL C 378 2.43 30.64 -3.33
CA VAL C 378 3.81 30.54 -2.84
C VAL C 378 4.21 29.08 -2.65
N ASP C 379 3.31 28.28 -2.07
CA ASP C 379 3.61 26.86 -1.86
C ASP C 379 3.89 26.16 -3.19
N GLN C 380 3.07 26.44 -4.21
CA GLN C 380 3.28 25.82 -5.52
C GLN C 380 4.61 26.24 -6.11
N ALA C 381 4.96 27.53 -5.99
CA ALA C 381 6.24 28.00 -6.52
C ALA C 381 7.40 27.30 -5.84
N LEU C 382 7.36 27.20 -4.52
CA LEU C 382 8.45 26.54 -3.79
C LEU C 382 8.53 25.06 -4.14
N ALA C 383 7.38 24.40 -4.31
CA ALA C 383 7.38 23.00 -4.69
C ALA C 383 7.99 22.80 -6.07
N PHE C 384 7.59 23.65 -7.03
CA PHE C 384 8.19 23.59 -8.36
C PHE C 384 9.70 23.81 -8.30
N ALA C 385 10.14 24.76 -7.47
CA ALA C 385 11.57 25.00 -7.33
C ALA C 385 12.29 23.77 -6.80
N GLN C 386 11.76 23.19 -5.72
CA GLN C 386 12.37 21.98 -5.17
C GLN C 386 12.43 20.87 -6.20
N ILE C 387 11.35 20.68 -6.97
CA ILE C 387 11.33 19.62 -7.97
C ILE C 387 12.39 19.87 -9.04
N LEU C 388 12.48 21.12 -9.51
CA LEU C 388 13.44 21.43 -10.56
C LEU C 388 14.88 21.33 -10.07
N ILE C 389 15.11 21.57 -8.78
CA ILE C 389 16.47 21.49 -8.25
C ILE C 389 17.02 20.07 -8.39
N MET C 390 16.21 19.08 -8.01
CA MET C 390 16.62 17.68 -8.07
C MET C 390 17.02 17.31 -9.49
N PRO C 391 18.31 17.05 -9.77
CA PRO C 391 18.72 16.74 -11.14
C PRO C 391 18.52 15.27 -11.49
N ASN C 392 18.58 14.39 -10.48
CA ASN C 392 18.51 12.96 -10.75
C ASN C 392 17.15 12.57 -11.32
N LEU C 393 16.08 13.28 -10.95
CA LEU C 393 14.75 12.94 -11.43
C LEU C 393 14.68 13.13 -12.94
N THR C 394 14.17 12.11 -13.63
CA THR C 394 14.06 12.16 -15.08
C THR C 394 12.99 13.17 -15.49
N GLU C 395 12.86 13.38 -16.80
CA GLU C 395 11.88 14.32 -17.32
C GLU C 395 10.46 13.83 -17.07
N GLU C 396 10.22 12.53 -17.30
CA GLU C 396 8.89 11.98 -17.09
C GLU C 396 8.49 12.07 -15.62
N GLN C 397 9.40 11.69 -14.72
CA GLN C 397 9.11 11.77 -13.29
C GLN C 397 8.94 13.23 -12.86
N ARG C 398 9.76 14.12 -13.41
CA ARG C 398 9.63 15.54 -13.10
C ARG C 398 8.25 16.05 -13.48
N ASN C 399 7.80 15.74 -14.70
CA ASN C 399 6.48 16.19 -15.13
C ASN C 399 5.39 15.55 -14.30
N GLY C 400 5.56 14.28 -13.91
CA GLY C 400 4.56 13.63 -13.08
C GLY C 400 4.42 14.31 -11.73
N PHE C 401 5.55 14.62 -11.09
CA PHE C 401 5.51 15.31 -9.81
C PHE C 401 4.94 16.71 -9.96
N ILE C 402 5.26 17.39 -11.06
CA ILE C 402 4.71 18.71 -11.30
C ILE C 402 3.19 18.65 -11.40
N GLN C 403 2.68 17.69 -12.18
CA GLN C 403 1.24 17.55 -12.32
C GLN C 403 0.59 17.18 -10.99
N SER C 404 1.22 16.30 -10.22
CA SER C 404 0.67 15.92 -8.93
C SER C 404 0.62 17.09 -7.97
N LEU C 405 1.62 17.98 -8.04
CA LEU C 405 1.63 19.16 -7.18
C LEU C 405 0.61 20.20 -7.64
N LYS C 406 0.37 20.30 -8.95
CA LYS C 406 -0.57 21.28 -9.46
C LYS C 406 -1.99 20.98 -8.98
N ASP C 407 -2.47 19.77 -9.21
CA ASP C 407 -3.85 19.42 -8.94
C ASP C 407 -4.13 19.09 -7.48
N ASP C 408 -3.11 19.12 -6.62
CA ASP C 408 -3.32 18.81 -5.21
C ASP C 408 -2.21 19.42 -4.36
N PRO C 409 -2.35 20.70 -3.97
CA PRO C 409 -1.32 21.32 -3.10
C PRO C 409 -1.45 20.94 -1.63
N SER C 410 -2.51 20.25 -1.23
CA SER C 410 -2.69 19.91 0.18
C SER C 410 -1.64 18.91 0.64
N VAL C 411 -1.28 17.95 -0.22
CA VAL C 411 -0.30 16.93 0.12
C VAL C 411 1.06 17.24 -0.50
N SER C 412 1.35 18.51 -0.80
CA SER C 412 2.62 18.85 -1.41
C SER C 412 3.80 18.41 -0.55
N LYS C 413 3.63 18.43 0.78
CA LYS C 413 4.71 18.02 1.66
C LYS C 413 5.07 16.56 1.42
N GLU C 414 4.07 15.68 1.38
CA GLU C 414 4.34 14.27 1.15
C GLU C 414 4.90 14.03 -0.25
N ILE C 415 4.43 14.81 -1.23
CA ILE C 415 4.96 14.68 -2.59
C ILE C 415 6.45 15.02 -2.61
N LEU C 416 6.82 16.11 -1.96
CA LEU C 416 8.23 16.49 -1.89
C LEU C 416 9.05 15.47 -1.12
N ALA C 417 8.47 14.91 -0.06
CA ALA C 417 9.17 13.87 0.69
C ALA C 417 9.45 12.66 -0.19
N GLU C 418 8.44 12.20 -0.92
CA GLU C 418 8.63 11.06 -1.81
C GLU C 418 9.62 11.37 -2.93
N ALA C 419 9.59 12.61 -3.45
CA ALA C 419 10.55 12.99 -4.47
C ALA C 419 11.98 12.96 -3.94
N LYS C 420 12.18 13.49 -2.73
CA LYS C 420 13.51 13.44 -2.12
C LYS C 420 13.95 12.01 -1.86
N LYS C 421 13.02 11.15 -1.43
CA LYS C 421 13.35 9.75 -1.21
C LYS C 421 13.79 9.09 -2.50
N LEU C 422 13.03 9.30 -3.59
CA LEU C 422 13.39 8.73 -4.88
C LEU C 422 14.67 9.33 -5.44
N ASN C 423 15.02 10.55 -5.04
CA ASN C 423 16.25 11.16 -5.53
C ASN C 423 17.48 10.33 -5.16
N GLU C 424 17.54 9.89 -3.90
CA GLU C 424 18.68 9.08 -3.46
C GLU C 424 18.67 7.69 -4.09
N HIS C 425 17.56 7.27 -4.68
CA HIS C 425 17.49 5.96 -5.31
C HIS C 425 18.23 5.95 -6.65
N GLN C 426 17.86 6.86 -7.55
CA GLN C 426 18.48 6.94 -8.87
C GLN C 426 19.81 7.67 -8.86
N ALA C 427 20.35 7.98 -7.69
CA ALA C 427 21.63 8.68 -7.63
C ALA C 427 22.75 7.77 -8.16
N PRO C 428 23.64 8.27 -9.03
CA PRO C 428 24.71 7.42 -9.55
C PRO C 428 25.78 7.11 -8.51
N TYR C 503 27.67 -30.24 24.85
CA TYR C 503 27.88 -31.65 25.15
C TYR C 503 27.71 -32.50 23.89
N LYS C 504 28.36 -33.66 23.88
CA LYS C 504 28.30 -34.57 22.74
C LYS C 504 28.49 -36.00 23.23
N LEU C 505 27.88 -36.93 22.51
CA LEU C 505 27.96 -38.36 22.82
C LEU C 505 28.67 -39.09 21.69
N VAL C 506 29.50 -40.07 22.06
CA VAL C 506 30.23 -40.89 21.11
C VAL C 506 30.00 -42.35 21.49
N ILE C 507 29.43 -43.13 20.57
CA ILE C 507 29.12 -44.53 20.79
C ILE C 507 30.07 -45.37 19.95
N ASN C 508 30.57 -46.45 20.52
CA ASN C 508 31.49 -47.37 19.85
C ASN C 508 31.04 -48.80 19.99
N GLY C 509 29.74 -49.04 19.83
CA GLY C 509 29.19 -50.37 19.95
C GLY C 509 29.67 -51.30 18.86
N LYS C 510 29.27 -52.56 18.99
CA LYS C 510 29.68 -53.57 18.00
C LYS C 510 29.01 -53.32 16.66
N THR C 511 27.75 -52.91 16.67
CA THR C 511 26.98 -52.65 15.46
C THR C 511 26.72 -51.17 15.20
N LEU C 512 26.36 -50.42 16.23
CA LEU C 512 26.05 -48.99 16.12
C LEU C 512 27.25 -48.21 16.65
N LYS C 513 27.91 -47.47 15.76
CA LYS C 513 29.06 -46.65 16.11
C LYS C 513 28.93 -45.28 15.46
N GLY C 514 29.47 -44.27 16.12
CA GLY C 514 29.42 -42.91 15.62
C GLY C 514 29.32 -41.87 16.71
N GLU C 515 28.81 -40.69 16.36
CA GLU C 515 28.67 -39.59 17.30
C GLU C 515 27.30 -38.94 17.12
N THR C 516 26.83 -38.30 18.19
CA THR C 516 25.53 -37.64 18.18
C THR C 516 25.54 -36.52 19.19
N THR C 517 24.54 -35.64 19.08
CA THR C 517 24.42 -34.50 19.98
C THR C 517 23.02 -34.43 20.58
N ALA C 523 26.11 -31.58 34.52
CA ALA C 523 26.12 -32.31 33.25
C ALA C 523 25.22 -33.54 33.32
N GLU C 524 24.58 -33.75 34.46
CA GLU C 524 23.70 -34.90 34.62
C GLU C 524 22.45 -34.77 33.77
N THR C 525 21.94 -33.55 33.59
CA THR C 525 20.75 -33.35 32.77
C THR C 525 20.99 -33.82 31.34
N ALA C 526 22.19 -33.60 30.81
CA ALA C 526 22.50 -34.05 29.46
C ALA C 526 22.98 -35.51 29.48
N GLU C 527 23.60 -35.94 30.58
CA GLU C 527 24.07 -37.31 30.66
C GLU C 527 22.91 -38.29 30.63
N LYS C 528 21.84 -37.99 31.37
CA LYS C 528 20.66 -38.85 31.36
C LYS C 528 20.01 -38.90 29.99
N ALA C 529 19.97 -37.75 29.30
CA ALA C 529 19.40 -37.71 27.95
C ALA C 529 20.24 -38.57 26.99
N PHE C 530 21.56 -38.46 27.09
CA PHE C 530 22.43 -39.27 26.24
C PHE C 530 22.26 -40.76 26.54
N LYS C 531 22.12 -41.10 27.82
CA LYS C 531 21.91 -42.50 28.19
C LYS C 531 20.58 -43.01 27.63
N GLN C 532 19.53 -42.19 27.71
CA GLN C 532 18.23 -42.59 27.16
C GLN C 532 18.32 -42.77 25.66
N TYR C 533 19.04 -41.87 24.97
CA TYR C 533 19.20 -42.01 23.53
C TYR C 533 19.95 -43.29 23.18
N ALA C 534 21.03 -43.59 23.91
CA ALA C 534 21.79 -44.81 23.66
C ALA C 534 20.93 -46.05 23.91
N ASN C 535 20.10 -46.01 24.95
CA ASN C 535 19.24 -47.15 25.24
C ASN C 535 18.19 -47.34 24.15
N ASP C 536 17.61 -46.25 23.66
CA ASP C 536 16.60 -46.34 22.61
C ASP C 536 17.20 -46.85 21.30
N ASN C 537 18.49 -46.67 21.08
CA ASN C 537 19.15 -47.13 19.87
C ASN C 537 19.71 -48.54 19.99
N GLY C 538 19.71 -49.11 21.19
CA GLY C 538 20.22 -50.46 21.39
C GLY C 538 21.72 -50.50 21.60
N THR C 551 33.78 -34.24 26.31
CA THR C 551 33.17 -35.20 25.40
C THR C 551 32.90 -36.53 26.11
N PHE C 552 31.66 -37.00 26.04
CA PHE C 552 31.27 -38.25 26.67
C PHE C 552 31.31 -39.37 25.64
N THR C 553 32.04 -40.44 25.94
CA THR C 553 32.19 -41.59 25.06
C THR C 553 31.70 -42.83 25.78
N VAL C 554 30.96 -43.68 25.07
CA VAL C 554 30.41 -44.91 25.61
C VAL C 554 30.80 -46.05 24.67
N THR C 555 31.26 -47.15 25.24
CA THR C 555 31.66 -48.33 24.48
C THR C 555 30.88 -49.55 24.95
N GLU C 556 30.87 -50.58 24.11
CA GLU C 556 30.16 -51.81 24.41
C GLU C 556 30.92 -53.01 23.85
N ASP D 20 32.48 -23.70 -13.56
CA ASP D 20 31.03 -23.42 -13.73
C ASP D 20 30.47 -22.72 -12.50
N VAL D 21 29.30 -22.10 -12.65
CA VAL D 21 28.67 -21.40 -11.53
C VAL D 21 28.34 -22.40 -10.44
N GLN D 22 28.52 -21.98 -9.19
CA GLN D 22 28.26 -22.82 -8.03
C GLN D 22 27.63 -21.96 -6.94
N LEU D 23 26.49 -22.41 -6.42
CA LEU D 23 25.79 -21.75 -5.33
C LEU D 23 25.49 -22.78 -4.25
N VAL D 24 25.92 -22.49 -3.02
CA VAL D 24 25.75 -23.42 -1.90
C VAL D 24 25.10 -22.65 -0.75
N GLU D 25 23.95 -23.14 -0.29
CA GLU D 25 23.23 -22.52 0.81
C GLU D 25 23.57 -23.21 2.13
N SER D 26 23.30 -22.51 3.22
CA SER D 26 23.56 -23.03 4.56
C SER D 26 22.80 -22.19 5.58
N GLY D 27 22.76 -22.69 6.81
CA GLY D 27 22.09 -22.02 7.90
C GLY D 27 20.72 -22.58 8.25
N GLY D 28 20.16 -23.44 7.40
CA GLY D 28 18.86 -24.00 7.70
C GLY D 28 18.92 -25.04 8.81
N GLY D 29 17.86 -25.09 9.60
CA GLY D 29 17.77 -26.02 10.70
C GLY D 29 16.45 -25.98 11.42
N LEU D 30 16.45 -26.30 12.71
CA LEU D 30 15.24 -26.29 13.52
C LEU D 30 15.14 -24.98 14.27
N VAL D 31 13.97 -24.34 14.18
CA VAL D 31 13.73 -23.05 14.82
C VAL D 31 12.30 -23.03 15.35
N GLN D 32 12.09 -22.38 16.48
CA GLN D 32 10.77 -22.29 17.08
C GLN D 32 10.00 -21.10 16.51
N PRO D 33 8.67 -21.14 16.55
CA PRO D 33 7.89 -20.00 16.08
C PRO D 33 8.24 -18.72 16.83
N GLY D 34 8.42 -17.64 16.08
CA GLY D 34 8.75 -16.35 16.65
C GLY D 34 10.23 -16.03 16.67
N LYS D 35 11.09 -17.05 16.65
CA LYS D 35 12.53 -16.81 16.64
C LYS D 35 12.97 -16.33 15.26
N SER D 36 14.27 -16.08 15.14
CA SER D 36 14.87 -15.58 13.90
C SER D 36 15.91 -16.55 13.40
N LEU D 37 16.20 -16.48 12.10
CA LEU D 37 17.19 -17.35 11.47
C LEU D 37 17.88 -16.61 10.34
N ARG D 38 19.20 -16.79 10.24
CA ARG D 38 20.01 -16.13 9.23
C ARG D 38 20.52 -17.18 8.24
N LEU D 39 19.89 -17.26 7.09
CA LEU D 39 20.36 -18.16 6.03
C LEU D 39 21.45 -17.48 5.22
N SER D 40 22.48 -18.25 4.87
CA SER D 40 23.61 -17.75 4.11
C SER D 40 23.75 -18.53 2.82
N CYS D 41 24.38 -17.90 1.82
CA CYS D 41 24.62 -18.53 0.54
C CYS D 41 25.96 -18.06 0.00
N ALA D 42 26.80 -19.01 -0.39
CA ALA D 42 28.10 -18.73 -0.99
C ALA D 42 28.05 -19.01 -2.48
N ALA D 43 28.61 -18.09 -3.27
CA ALA D 43 28.63 -18.18 -4.72
C ALA D 43 30.07 -18.20 -5.21
N SER D 44 30.34 -19.01 -6.24
CA SER D 44 31.67 -19.12 -6.81
C SER D 44 31.55 -19.38 -8.30
N GLY D 45 32.58 -18.97 -9.04
CA GLY D 45 32.63 -19.19 -10.47
C GLY D 45 32.19 -18.01 -11.33
N PHE D 46 31.81 -16.89 -10.71
CA PHE D 46 31.37 -15.73 -11.48
C PHE D 46 31.48 -14.49 -10.61
N THR D 47 31.36 -13.33 -11.26
CA THR D 47 31.45 -12.03 -10.58
C THR D 47 30.13 -11.78 -9.85
N PHE D 48 30.07 -12.27 -8.61
CA PHE D 48 28.89 -12.13 -7.78
C PHE D 48 28.43 -10.68 -7.70
N SER D 49 29.38 -9.75 -7.72
CA SER D 49 29.03 -8.33 -7.59
C SER D 49 28.15 -7.85 -8.73
N ASN D 50 28.25 -8.49 -9.90
CA ASN D 50 27.53 -8.01 -11.08
C ASN D 50 26.11 -8.54 -11.16
N PHE D 51 25.84 -9.70 -10.59
CA PHE D 51 24.54 -10.36 -10.72
C PHE D 51 23.70 -10.16 -9.47
N GLY D 52 22.39 -9.96 -9.67
CA GLY D 52 21.48 -9.93 -8.56
C GLY D 52 21.10 -11.32 -8.08
N MET D 53 20.51 -11.39 -6.89
CA MET D 53 20.21 -12.67 -6.26
C MET D 53 18.74 -12.74 -5.89
N HIS D 54 18.23 -13.97 -5.85
CA HIS D 54 16.85 -14.26 -5.49
C HIS D 54 16.81 -15.41 -4.50
N TRP D 55 16.01 -15.24 -3.45
CA TRP D 55 15.66 -16.31 -2.52
C TRP D 55 14.25 -16.76 -2.83
N VAL D 56 14.09 -18.06 -3.08
CA VAL D 56 12.79 -18.64 -3.46
C VAL D 56 12.57 -19.88 -2.62
N ARG D 57 11.40 -19.96 -1.98
CA ARG D 57 11.07 -21.07 -1.10
C ARG D 57 10.04 -21.99 -1.76
N GLN D 58 10.13 -23.28 -1.43
CA GLN D 58 9.24 -24.30 -1.98
C GLN D 58 8.80 -25.24 -0.87
N ALA D 59 7.51 -25.56 -0.86
CA ALA D 59 6.95 -26.51 0.08
C ALA D 59 5.81 -27.25 -0.58
N PRO D 60 5.48 -28.47 -0.13
CA PRO D 60 4.40 -29.21 -0.78
C PRO D 60 3.06 -28.48 -0.79
N GLU D 61 2.77 -27.71 0.26
CA GLU D 61 1.49 -27.05 0.37
C GLU D 61 1.40 -25.76 -0.46
N MET D 62 2.53 -25.23 -0.93
CA MET D 62 2.51 -24.01 -1.72
C MET D 62 3.40 -24.05 -2.96
N GLY D 63 4.25 -25.05 -3.13
CA GLY D 63 5.11 -25.07 -4.30
C GLY D 63 6.08 -23.90 -4.31
N LEU D 64 6.66 -23.68 -5.48
CA LEU D 64 7.61 -22.58 -5.65
C LEU D 64 6.92 -21.25 -5.39
N GLU D 65 7.62 -20.36 -4.69
CA GLU D 65 7.09 -19.04 -4.38
C GLU D 65 8.28 -18.10 -4.15
N TRP D 66 8.44 -17.11 -5.02
CA TRP D 66 9.52 -16.15 -4.88
C TRP D 66 9.42 -15.43 -3.54
N VAL D 67 10.50 -15.45 -2.77
CA VAL D 67 10.51 -14.85 -1.44
C VAL D 67 11.06 -13.44 -1.52
N ALA D 68 12.28 -13.29 -2.03
CA ALA D 68 12.93 -11.98 -2.02
C ALA D 68 13.93 -11.89 -3.17
N TYR D 69 14.28 -10.65 -3.50
CA TYR D 69 15.26 -10.35 -4.53
C TYR D 69 16.09 -9.14 -4.13
N ILE D 70 17.40 -9.22 -4.38
CA ILE D 70 18.32 -8.11 -4.14
C ILE D 70 19.09 -7.85 -5.42
N SER D 71 19.36 -6.58 -5.71
CA SER D 71 20.03 -6.19 -6.93
C SER D 71 21.54 -6.32 -6.80
N SER D 72 22.25 -5.95 -7.86
CA SER D 72 23.71 -6.04 -7.87
C SER D 72 24.31 -5.16 -6.79
N GLY D 73 24.01 -3.87 -6.82
CA GLY D 73 24.53 -2.92 -5.86
C GLY D 73 23.69 -2.73 -4.61
N SER D 74 22.73 -3.61 -4.36
CA SER D 74 21.85 -3.52 -3.20
C SER D 74 21.04 -2.23 -3.19
N THR D 75 20.91 -1.58 -4.34
CA THR D 75 20.14 -0.33 -4.41
C THR D 75 18.66 -0.60 -4.20
N THR D 76 18.11 -1.58 -4.91
CA THR D 76 16.70 -1.92 -4.84
C THR D 76 16.54 -3.33 -4.28
N LYS D 77 15.61 -3.50 -3.36
CA LYS D 77 15.30 -4.79 -2.75
C LYS D 77 13.80 -5.02 -2.82
N TYR D 78 13.40 -6.20 -3.29
CA TYR D 78 12.00 -6.56 -3.44
C TYR D 78 11.68 -7.75 -2.56
N TYR D 79 10.48 -7.73 -1.96
CA TYR D 79 10.03 -8.80 -1.09
C TYR D 79 8.64 -9.24 -1.52
N GLY D 80 8.28 -10.46 -1.14
CA GLY D 80 6.98 -11.00 -1.47
C GLY D 80 5.86 -10.26 -0.78
N ASP D 81 4.63 -10.64 -1.14
CA ASP D 81 3.47 -9.98 -0.57
C ASP D 81 3.20 -10.47 0.85
N THR D 82 3.54 -11.72 1.15
CA THR D 82 3.33 -12.31 2.46
C THR D 82 4.57 -12.27 3.35
N VAL D 83 5.72 -11.88 2.81
CA VAL D 83 6.97 -11.87 3.56
C VAL D 83 7.56 -10.47 3.72
N LYS D 84 7.00 -9.46 3.07
CA LYS D 84 7.55 -8.11 3.17
C LYS D 84 7.49 -7.64 4.62
N GLY D 85 8.60 -7.12 5.11
CA GLY D 85 8.71 -6.60 6.45
C GLY D 85 9.31 -7.57 7.45
N ARG D 86 9.03 -8.87 7.30
CA ARG D 86 9.57 -9.86 8.24
C ARG D 86 10.92 -10.38 7.79
N PHE D 87 11.15 -10.47 6.48
CA PHE D 87 12.42 -10.95 5.94
C PHE D 87 13.22 -9.78 5.38
N THR D 88 14.54 -9.91 5.46
CA THR D 88 15.46 -8.88 4.98
C THR D 88 16.59 -9.56 4.21
N ILE D 89 16.83 -9.11 2.98
CA ILE D 89 17.86 -9.65 2.11
C ILE D 89 19.04 -8.69 2.07
N SER D 90 20.25 -9.23 2.07
CA SER D 90 21.46 -8.43 2.03
C SER D 90 22.56 -9.23 1.36
N ARG D 91 23.67 -8.56 1.06
CA ARG D 91 24.77 -9.21 0.36
C ARG D 91 26.07 -8.51 0.71
N ASP D 92 27.13 -9.32 0.81
CA ASP D 92 28.50 -8.84 0.99
C ASP D 92 29.27 -9.24 -0.25
N ASN D 93 29.51 -8.26 -1.13
CA ASN D 93 30.23 -8.54 -2.36
C ASN D 93 31.72 -8.74 -2.14
N PRO D 94 32.40 -8.02 -1.24
CA PRO D 94 33.83 -8.28 -1.02
C PRO D 94 34.17 -9.73 -0.70
N LYS D 95 33.19 -10.53 -0.26
CA LYS D 95 33.42 -11.94 -0.01
C LYS D 95 32.44 -12.83 -0.78
N ASN D 96 31.62 -12.24 -1.64
CA ASN D 96 30.68 -13.00 -2.48
C ASN D 96 29.77 -13.88 -1.62
N THR D 97 28.97 -13.23 -0.79
CA THR D 97 28.05 -13.94 0.10
C THR D 97 26.70 -13.24 0.10
N LEU D 98 25.63 -14.03 0.26
CA LEU D 98 24.28 -13.52 0.33
C LEU D 98 23.65 -13.95 1.66
N TYR D 99 22.85 -13.07 2.24
CA TYR D 99 22.26 -13.31 3.56
C TYR D 99 20.78 -13.00 3.51
N LEU D 100 20.01 -13.83 4.22
CA LEU D 100 18.56 -13.66 4.37
C LEU D 100 18.24 -13.79 5.85
N GLN D 101 17.86 -12.68 6.47
CA GLN D 101 17.45 -12.68 7.87
C GLN D 101 15.94 -12.82 7.94
N MET D 102 15.46 -13.81 8.67
CA MET D 102 14.04 -14.10 8.80
C MET D 102 13.65 -13.90 10.27
N ASN D 103 12.72 -12.99 10.50
CA ASN D 103 12.24 -12.67 11.83
C ASN D 103 10.76 -13.02 11.95
N SER D 104 10.33 -13.27 13.18
CA SER D 104 8.94 -13.64 13.46
C SER D 104 8.53 -14.85 12.63
N LEU D 105 9.37 -15.88 12.67
CA LEU D 105 9.10 -17.09 11.91
C LEU D 105 7.79 -17.73 12.36
N ARG D 106 7.07 -18.29 11.39
CA ARG D 106 5.78 -18.94 11.65
C ARG D 106 5.77 -20.31 10.99
N SER D 107 4.78 -21.12 11.38
CA SER D 107 4.68 -22.48 10.87
C SER D 107 4.63 -22.49 9.35
N GLU D 108 4.03 -21.46 8.74
CA GLU D 108 3.92 -21.43 7.28
C GLU D 108 5.26 -21.20 6.60
N ASP D 109 6.29 -20.78 7.35
CA ASP D 109 7.59 -20.47 6.77
C ASP D 109 8.45 -21.72 6.53
N THR D 110 8.01 -22.89 6.97
CA THR D 110 8.78 -24.11 6.76
C THR D 110 8.82 -24.44 5.28
N ALA D 111 10.02 -24.59 4.73
CA ALA D 111 10.17 -24.86 3.31
C ALA D 111 11.64 -25.04 2.97
N MET D 112 11.90 -25.45 1.74
CA MET D 112 13.25 -25.49 1.21
C MET D 112 13.53 -24.20 0.46
N TYR D 113 14.58 -23.48 0.88
CA TYR D 113 14.94 -22.19 0.31
C TYR D 113 16.11 -22.37 -0.63
N TYR D 114 15.98 -21.86 -1.85
CA TYR D 114 17.03 -21.89 -2.85
C TYR D 114 17.45 -20.47 -3.21
N CYS D 115 18.74 -20.31 -3.50
CA CYS D 115 19.25 -19.06 -4.04
C CYS D 115 19.52 -19.21 -5.53
N ALA D 116 19.21 -18.15 -6.28
CA ALA D 116 19.37 -18.18 -7.73
C ALA D 116 19.83 -16.83 -8.24
N ARG D 117 20.81 -16.83 -9.12
CA ARG D 117 21.31 -15.59 -9.69
C ARG D 117 20.37 -15.11 -10.80
N ARG D 118 20.46 -13.80 -11.09
CA ARG D 118 19.66 -13.19 -12.13
C ARG D 118 20.56 -12.77 -13.28
N PRO D 119 20.39 -13.30 -14.49
CA PRO D 119 21.23 -12.87 -15.61
C PRO D 119 21.19 -11.36 -15.79
N LEU D 120 22.27 -10.84 -16.38
CA LEU D 120 22.40 -9.40 -16.53
C LEU D 120 21.48 -8.88 -17.62
N TYR D 121 20.71 -7.84 -17.28
CA TYR D 121 19.89 -7.12 -18.24
C TYR D 121 18.88 -8.05 -18.93
N ASP D 122 17.99 -8.61 -18.10
CA ASP D 122 16.96 -9.49 -18.64
C ASP D 122 16.01 -8.76 -19.59
N GLY D 123 15.87 -7.43 -19.45
CA GLY D 123 15.02 -6.67 -20.34
C GLY D 123 15.49 -6.67 -21.79
N ASP D 124 16.78 -6.92 -22.02
CA ASP D 124 17.34 -6.94 -23.36
C ASP D 124 17.62 -8.35 -23.86
N TYR D 125 17.95 -9.27 -22.95
CA TYR D 125 18.26 -10.65 -23.31
C TYR D 125 17.18 -11.63 -22.90
N GLY D 126 16.38 -11.32 -21.89
CA GLY D 126 15.27 -12.16 -21.50
C GLY D 126 15.63 -13.42 -20.74
N TYR D 127 16.90 -13.61 -20.39
CA TYR D 127 17.30 -14.80 -19.64
C TYR D 127 16.84 -14.67 -18.20
N PRO D 128 15.94 -15.54 -17.72
CA PRO D 128 15.52 -15.49 -16.32
C PRO D 128 16.54 -16.19 -15.42
N MET D 129 16.19 -16.32 -14.15
CA MET D 129 17.05 -17.00 -13.18
C MET D 129 17.40 -18.39 -13.69
N ASP D 130 18.69 -18.62 -13.96
CA ASP D 130 19.13 -19.86 -14.60
C ASP D 130 19.72 -20.84 -13.59
N TYR D 131 20.71 -20.40 -12.81
CA TYR D 131 21.42 -21.29 -11.90
C TYR D 131 20.76 -21.29 -10.53
N TRP D 132 20.52 -22.48 -9.99
CA TRP D 132 19.93 -22.65 -8.69
C TRP D 132 20.89 -23.41 -7.78
N GLY D 133 20.82 -23.11 -6.49
CA GLY D 133 21.67 -23.76 -5.52
C GLY D 133 21.15 -25.12 -5.11
N GLN D 134 21.77 -25.67 -4.07
CA GLN D 134 21.37 -26.98 -3.55
C GLN D 134 20.13 -26.91 -2.67
N GLY D 135 19.86 -25.74 -2.07
CA GLY D 135 18.68 -25.58 -1.24
C GLY D 135 18.90 -26.00 0.19
N THR D 136 18.30 -25.29 1.14
CA THR D 136 18.39 -25.61 2.55
C THR D 136 16.99 -25.67 3.15
N SER D 137 16.74 -26.70 3.95
CA SER D 137 15.43 -26.88 4.57
C SER D 137 15.34 -26.09 5.87
N VAL D 138 14.19 -25.47 6.09
CA VAL D 138 13.90 -24.74 7.33
C VAL D 138 12.56 -25.26 7.85
N THR D 139 12.55 -25.67 9.11
CA THR D 139 11.35 -26.20 9.76
C THR D 139 11.03 -25.34 10.98
N VAL D 140 9.78 -24.90 11.06
CA VAL D 140 9.30 -24.06 12.16
C VAL D 140 8.31 -24.89 12.96
N SER D 141 8.73 -25.33 14.14
CA SER D 141 7.87 -26.13 15.00
C SER D 141 8.42 -26.10 16.41
N SER D 142 7.51 -26.21 17.39
CA SER D 142 7.91 -26.19 18.79
C SER D 142 8.51 -27.51 19.24
N ALA D 143 8.30 -28.59 18.48
CA ALA D 143 8.84 -29.89 18.87
C ALA D 143 10.36 -29.82 19.02
N SER D 144 10.88 -30.56 19.98
CA SER D 144 12.31 -30.58 20.24
C SER D 144 13.03 -31.54 19.29
N THR D 145 14.31 -31.27 19.05
CA THR D 145 15.10 -32.13 18.19
C THR D 145 15.30 -33.50 18.83
N LYS D 146 15.51 -34.50 17.99
CA LYS D 146 15.72 -35.87 18.46
C LYS D 146 16.60 -36.60 17.47
N GLY D 147 17.54 -37.39 18.00
CA GLY D 147 18.47 -38.11 17.16
C GLY D 147 17.84 -39.34 16.52
N PRO D 148 18.32 -39.72 15.34
CA PRO D 148 17.72 -40.87 14.66
C PRO D 148 18.21 -42.19 15.25
N SER D 149 17.29 -43.15 15.34
CA SER D 149 17.60 -44.50 15.80
C SER D 149 17.52 -45.45 14.62
N VAL D 150 18.58 -46.22 14.39
CA VAL D 150 18.68 -47.11 13.24
C VAL D 150 18.46 -48.55 13.71
N PHE D 151 17.84 -49.34 12.83
CA PHE D 151 17.60 -50.76 13.10
C PHE D 151 17.91 -51.54 11.83
N PRO D 152 18.91 -52.43 11.84
CA PRO D 152 19.22 -53.20 10.62
C PRO D 152 18.33 -54.43 10.50
N LEU D 153 17.92 -54.72 9.27
CA LEU D 153 17.09 -55.88 8.95
C LEU D 153 17.80 -56.69 7.87
N ALA D 154 18.30 -57.86 8.24
CA ALA D 154 19.01 -58.72 7.29
C ALA D 154 18.04 -59.75 6.69
N PRO D 155 18.32 -60.26 5.48
CA PRO D 155 17.44 -61.24 4.85
C PRO D 155 17.52 -62.61 5.50
N ALA D 165 18.75 -61.58 -2.56
CA ALA D 165 19.33 -61.11 -1.32
C ALA D 165 19.22 -59.59 -1.21
N ALA D 166 18.74 -59.11 -0.06
CA ALA D 166 18.59 -57.69 0.16
C ALA D 166 18.56 -57.43 1.66
N LEU D 167 19.16 -56.30 2.06
CA LEU D 167 19.21 -55.91 3.47
C LEU D 167 18.74 -54.46 3.58
N GLY D 168 18.05 -54.15 4.68
CA GLY D 168 17.50 -52.83 4.88
C GLY D 168 17.91 -52.24 6.21
N CYS D 169 17.64 -50.95 6.35
CA CYS D 169 17.88 -50.22 7.59
C CYS D 169 16.72 -49.27 7.81
N LEU D 170 16.08 -49.39 8.97
CA LEU D 170 14.91 -48.58 9.32
C LEU D 170 15.36 -47.50 10.29
N VAL D 171 15.18 -46.24 9.90
CA VAL D 171 15.52 -45.09 10.73
C VAL D 171 14.23 -44.51 11.28
N LYS D 172 14.17 -44.33 12.59
CA LYS D 172 12.98 -43.82 13.26
C LYS D 172 13.39 -42.85 14.37
N ASP D 173 12.38 -42.32 15.07
CA ASP D 173 12.60 -41.51 16.26
C ASP D 173 13.37 -40.23 15.92
N TYR D 174 13.00 -39.59 14.81
CA TYR D 174 13.59 -38.33 14.41
C TYR D 174 12.50 -37.40 13.88
N PHE D 175 12.39 -36.22 14.49
CA PHE D 175 11.38 -35.25 14.09
C PHE D 175 11.84 -34.43 12.88
N PRO D 176 13.06 -33.89 12.89
CA PRO D 176 13.49 -33.08 11.74
C PRO D 176 13.58 -33.91 10.46
N GLU D 177 13.11 -33.31 9.36
CA GLU D 177 13.06 -33.96 8.06
C GLU D 177 14.44 -34.14 7.43
N PRO D 178 15.39 -33.21 7.64
CA PRO D 178 16.69 -33.32 6.95
C PRO D 178 17.53 -34.49 7.45
N VAL D 179 17.21 -35.69 6.96
CA VAL D 179 18.00 -36.89 7.24
C VAL D 179 18.40 -37.52 5.91
N THR D 180 19.56 -38.17 5.90
CA THR D 180 20.03 -38.85 4.69
C THR D 180 20.71 -40.15 5.09
N VAL D 181 20.75 -41.08 4.15
CA VAL D 181 21.38 -42.39 4.36
C VAL D 181 22.18 -42.75 3.11
N SER D 182 23.34 -43.35 3.31
CA SER D 182 24.20 -43.77 2.21
C SER D 182 24.83 -45.12 2.53
N TRP D 183 24.75 -46.05 1.58
CA TRP D 183 25.29 -47.39 1.76
C TRP D 183 26.74 -47.43 1.33
N ASN D 184 27.59 -47.97 2.19
CA ASN D 184 29.03 -48.10 1.92
C ASN D 184 29.62 -46.75 1.53
N SER D 185 29.14 -45.69 2.17
CA SER D 185 29.61 -44.33 1.92
C SER D 185 29.56 -44.00 0.44
N GLY D 186 28.50 -44.45 -0.23
CA GLY D 186 28.32 -44.18 -1.63
C GLY D 186 29.17 -45.05 -2.55
N ALA D 187 29.46 -46.29 -2.14
CA ALA D 187 30.26 -47.17 -2.99
C ALA D 187 29.45 -47.63 -4.20
N LEU D 188 28.15 -47.86 -4.02
CA LEU D 188 27.27 -48.29 -5.09
C LEU D 188 26.06 -47.37 -5.16
N THR D 189 25.46 -47.30 -6.35
CA THR D 189 24.30 -46.45 -6.60
C THR D 189 23.09 -47.22 -7.08
N SER D 190 23.28 -48.26 -7.90
CA SER D 190 22.17 -49.03 -8.42
C SER D 190 21.74 -50.09 -7.40
N GLY D 191 20.43 -50.22 -7.21
CA GLY D 191 19.88 -51.19 -6.29
C GLY D 191 19.48 -50.67 -4.94
N VAL D 192 19.57 -49.36 -4.72
CA VAL D 192 19.22 -48.76 -3.43
C VAL D 192 17.85 -48.10 -3.55
N HIS D 193 17.07 -48.17 -2.47
CA HIS D 193 15.74 -47.56 -2.43
C HIS D 193 15.54 -46.95 -1.06
N THR D 194 15.35 -45.63 -1.01
CA THR D 194 15.13 -44.91 0.23
C THR D 194 13.68 -44.41 0.23
N PHE D 195 12.84 -45.06 1.02
CA PHE D 195 11.43 -44.71 1.06
C PHE D 195 11.24 -43.34 1.72
N PRO D 196 10.44 -42.44 1.15
CA PRO D 196 10.24 -41.14 1.78
C PRO D 196 9.67 -41.28 3.18
N ALA D 197 10.01 -40.32 4.03
CA ALA D 197 9.55 -40.33 5.40
C ALA D 197 8.07 -39.96 5.48
N VAL D 198 7.39 -40.49 6.50
CA VAL D 198 5.97 -40.22 6.71
C VAL D 198 5.77 -39.81 8.16
N LEU D 199 4.70 -39.06 8.40
CA LEU D 199 4.39 -38.57 9.75
C LEU D 199 3.90 -39.72 10.61
N GLN D 200 4.72 -40.15 11.56
CA GLN D 200 4.33 -41.24 12.46
C GLN D 200 3.25 -40.77 13.42
N SER D 201 2.49 -41.74 13.94
CA SER D 201 1.41 -41.41 14.88
C SER D 201 1.94 -40.65 16.09
N SER D 202 3.18 -40.91 16.49
CA SER D 202 3.78 -40.23 17.63
C SER D 202 4.33 -38.85 17.28
N GLY D 203 4.02 -38.32 16.10
CA GLY D 203 4.48 -37.02 15.69
C GLY D 203 5.88 -36.99 15.11
N LEU D 204 6.57 -38.12 15.04
CA LEU D 204 7.90 -38.20 14.50
C LEU D 204 7.85 -38.76 13.08
N TYR D 205 9.02 -38.99 12.48
CA TYR D 205 9.14 -39.49 11.13
C TYR D 205 9.90 -40.80 11.12
N SER D 206 9.81 -41.51 9.99
CA SER D 206 10.47 -42.81 9.86
C SER D 206 10.68 -43.10 8.38
N LEU D 207 11.87 -43.60 8.06
CA LEU D 207 12.21 -43.96 6.68
C LEU D 207 12.92 -45.31 6.68
N SER D 208 13.09 -45.87 5.48
CA SER D 208 13.72 -47.17 5.30
C SER D 208 14.60 -47.13 4.06
N SER D 209 15.86 -47.52 4.22
CA SER D 209 16.81 -47.60 3.11
C SER D 209 17.18 -49.06 2.89
N VAL D 210 16.81 -49.60 1.73
CA VAL D 210 16.99 -51.02 1.42
C VAL D 210 17.89 -51.14 0.20
N VAL D 211 18.85 -52.06 0.27
CA VAL D 211 19.76 -52.34 -0.83
C VAL D 211 19.63 -53.81 -1.20
N THR D 212 19.57 -54.09 -2.50
CA THR D 212 19.43 -55.45 -3.01
C THR D 212 20.80 -55.90 -3.51
N VAL D 213 21.61 -56.44 -2.61
CA VAL D 213 22.94 -56.92 -3.00
C VAL D 213 22.79 -58.15 -3.88
N PRO D 214 23.73 -58.42 -4.81
CA PRO D 214 23.63 -59.59 -5.68
C PRO D 214 23.93 -60.90 -4.95
N ILE D 224 25.64 -52.36 6.06
CA ILE D 224 26.47 -51.30 6.61
C ILE D 224 26.22 -49.99 5.87
N CYS D 225 25.43 -49.12 6.49
CA CYS D 225 25.13 -47.81 5.92
C CYS D 225 25.37 -46.73 6.97
N ASN D 226 25.61 -45.52 6.48
CA ASN D 226 25.83 -44.36 7.34
C ASN D 226 24.65 -43.40 7.19
N VAL D 227 24.07 -43.01 8.33
CA VAL D 227 22.95 -42.08 8.38
C VAL D 227 23.45 -40.76 8.95
N ASN D 228 23.12 -39.66 8.28
CA ASN D 228 23.49 -38.32 8.71
C ASN D 228 22.23 -37.51 8.97
N HIS D 229 22.25 -36.76 10.08
CA HIS D 229 21.12 -35.94 10.53
C HIS D 229 21.71 -34.61 11.00
N LYS D 230 21.67 -33.61 10.14
CA LYS D 230 22.25 -32.31 10.48
C LYS D 230 21.48 -31.59 11.58
N PRO D 231 20.15 -31.55 11.60
CA PRO D 231 19.45 -30.89 12.70
C PRO D 231 19.84 -31.41 14.08
N SER D 232 20.31 -32.64 14.19
CA SER D 232 20.80 -33.19 15.44
C SER D 232 22.31 -33.41 15.41
N ASN D 233 22.96 -33.21 14.26
CA ASN D 233 24.41 -33.34 14.14
C ASN D 233 24.86 -34.76 14.43
N THR D 234 24.12 -35.75 13.96
CA THR D 234 24.45 -37.15 14.19
C THR D 234 24.96 -37.79 12.90
N LYS D 235 25.99 -38.62 13.03
CA LYS D 235 26.52 -39.42 11.94
C LYS D 235 26.75 -40.83 12.47
N VAL D 236 25.84 -41.75 12.15
CA VAL D 236 25.81 -43.06 12.80
C VAL D 236 25.95 -44.14 11.73
N ASP D 237 26.82 -45.11 12.00
CA ASP D 237 26.95 -46.27 11.13
C ASP D 237 25.95 -47.33 11.55
N LYS D 238 25.09 -47.73 10.62
CA LYS D 238 24.02 -48.68 10.93
C LYS D 238 24.52 -50.09 11.17
N LYS D 239 25.69 -50.45 10.63
CA LYS D 239 26.25 -51.78 10.84
C LYS D 239 27.70 -51.83 10.37
N ASN E 21 2.51 -8.99 -9.01
CA ASN E 21 2.02 -10.26 -8.41
C ASN E 21 1.04 -10.95 -9.35
N ILE E 22 1.50 -11.29 -10.55
CA ILE E 22 0.66 -11.97 -11.52
C ILE E 22 0.55 -13.44 -11.14
N MET E 23 -0.63 -14.01 -11.36
CA MET E 23 -0.91 -15.40 -11.01
C MET E 23 -0.95 -16.26 -12.28
N LEU E 24 -0.45 -17.49 -12.16
CA LEU E 24 -0.44 -18.45 -13.25
C LEU E 24 -1.16 -19.72 -12.80
N THR E 25 -1.79 -20.42 -13.75
CA THR E 25 -2.52 -21.64 -13.48
C THR E 25 -2.13 -22.70 -14.50
N GLN E 26 -2.05 -23.95 -14.04
CA GLN E 26 -1.73 -25.09 -14.89
C GLN E 26 -2.86 -26.09 -14.77
N SER E 27 -3.62 -26.26 -15.86
CA SER E 27 -4.75 -27.19 -15.83
C SER E 27 -4.32 -28.62 -15.53
N PRO E 28 -3.31 -29.19 -16.20
CA PRO E 28 -2.91 -30.56 -15.87
C PRO E 28 -2.22 -30.67 -14.52
N SER E 29 -2.91 -31.23 -13.53
CA SER E 29 -2.32 -31.37 -12.21
C SER E 29 -1.38 -32.57 -12.15
N SER E 30 -1.85 -33.73 -12.57
CA SER E 30 -1.05 -34.95 -12.60
C SER E 30 -1.55 -35.85 -13.70
N LEU E 31 -0.66 -36.24 -14.61
CA LEU E 31 -1.01 -37.11 -15.73
C LEU E 31 0.12 -38.07 -16.00
N ALA E 32 -0.21 -39.19 -16.63
CA ALA E 32 0.76 -40.23 -16.97
C ALA E 32 0.61 -40.58 -18.44
N VAL E 33 1.74 -40.65 -19.14
CA VAL E 33 1.78 -40.97 -20.56
C VAL E 33 2.88 -42.00 -20.81
N SER E 34 2.70 -42.79 -21.85
CA SER E 34 3.67 -43.81 -22.20
C SER E 34 4.94 -43.17 -22.77
N ALA E 35 6.01 -43.97 -22.82
CA ALA E 35 7.28 -43.49 -23.35
C ALA E 35 7.15 -43.17 -24.83
N GLY E 36 7.70 -42.03 -25.24
CA GLY E 36 7.67 -41.61 -26.62
C GLY E 36 6.34 -41.02 -27.08
N GLU E 37 5.33 -41.00 -26.23
CA GLU E 37 4.04 -40.43 -26.62
C GLU E 37 4.09 -38.91 -26.54
N ARG E 38 3.56 -38.26 -27.58
CA ARG E 38 3.53 -36.81 -27.62
C ARG E 38 2.58 -36.28 -26.56
N VAL E 39 3.10 -35.50 -25.62
CA VAL E 39 2.32 -34.94 -24.52
C VAL E 39 2.34 -33.43 -24.63
N THR E 40 1.32 -32.79 -24.08
CA THR E 40 1.19 -31.33 -24.09
C THR E 40 0.55 -30.85 -22.81
N MET E 41 0.96 -29.66 -22.36
CA MET E 41 0.42 -29.06 -21.15
C MET E 41 0.16 -27.58 -21.42
N SER E 42 -0.91 -27.06 -20.83
CA SER E 42 -1.35 -25.69 -21.04
C SER E 42 -1.12 -24.86 -19.78
N CYS E 43 -1.00 -23.55 -19.98
CA CYS E 43 -0.80 -22.60 -18.90
C CYS E 43 -1.63 -21.35 -19.16
N LYS E 44 -2.31 -20.88 -18.12
CA LYS E 44 -3.24 -19.76 -18.21
C LYS E 44 -2.75 -18.64 -17.29
N SER E 45 -2.61 -17.44 -17.84
CA SER E 45 -2.23 -16.28 -17.07
C SER E 45 -3.42 -15.36 -16.84
N THR E 46 -3.37 -14.61 -15.74
CA THR E 46 -4.46 -13.70 -15.40
C THR E 46 -4.45 -12.44 -16.25
N GLN E 47 -3.29 -12.05 -16.80
CA GLN E 47 -3.20 -10.88 -17.64
C GLN E 47 -2.03 -11.07 -18.61
N SER E 48 -2.06 -10.28 -19.68
CA SER E 48 -1.00 -10.35 -20.68
C SER E 48 0.34 -9.95 -20.06
N ILE E 49 1.40 -10.69 -20.41
CA ILE E 49 2.73 -10.43 -19.91
C ILE E 49 3.64 -10.02 -21.06
N LEU E 50 3.03 -9.47 -22.12
CA LEU E 50 3.80 -8.99 -23.26
C LEU E 50 4.49 -7.67 -22.92
N TYR E 51 5.76 -7.56 -23.28
CA TYR E 51 6.57 -6.38 -23.02
C TYR E 51 6.64 -5.55 -24.30
N ASN E 52 6.29 -4.28 -24.20
CA ASN E 52 6.14 -3.45 -25.39
C ASN E 52 7.49 -2.99 -25.95
N SER E 53 8.50 -2.83 -25.11
CA SER E 53 9.78 -2.31 -25.58
C SER E 53 10.44 -3.26 -26.58
N ASN E 54 10.32 -4.57 -26.37
CA ASN E 54 10.90 -5.56 -27.27
C ASN E 54 9.86 -6.47 -27.91
N GLN E 55 8.59 -6.38 -27.50
CA GLN E 55 7.51 -7.18 -28.08
C GLN E 55 7.64 -8.66 -27.73
N LYS E 56 8.46 -8.99 -26.75
CA LYS E 56 8.64 -10.38 -26.33
C LYS E 56 7.75 -10.70 -25.14
N THR E 57 7.38 -11.97 -25.02
CA THR E 57 6.57 -12.47 -23.92
C THR E 57 7.49 -13.05 -22.86
N TYR E 58 7.32 -12.59 -21.62
CA TYR E 58 8.22 -12.96 -20.53
C TYR E 58 7.64 -14.12 -19.70
N LEU E 59 7.72 -15.31 -20.28
CA LEU E 59 7.32 -16.55 -19.62
C LEU E 59 8.37 -17.62 -19.85
N ALA E 60 8.64 -18.42 -18.83
CA ALA E 60 9.63 -19.47 -18.89
C ALA E 60 9.12 -20.72 -18.21
N TRP E 61 9.79 -21.84 -18.49
CA TRP E 61 9.46 -23.14 -17.92
C TRP E 61 10.69 -23.72 -17.24
N TYR E 62 10.47 -24.28 -16.05
CA TYR E 62 11.53 -24.90 -15.26
C TYR E 62 11.19 -26.36 -15.00
N GLN E 63 12.22 -27.21 -14.97
CA GLN E 63 12.08 -28.64 -14.72
C GLN E 63 12.78 -28.97 -13.42
N GLN E 64 12.03 -29.48 -12.45
CA GLN E 64 12.56 -29.87 -11.15
C GLN E 64 12.39 -31.37 -11.00
N LYS E 65 13.50 -32.10 -10.96
CA LYS E 65 13.46 -33.53 -10.76
C LYS E 65 13.33 -33.86 -9.27
N PRO E 66 12.84 -35.05 -8.94
CA PRO E 66 12.73 -35.44 -7.52
C PRO E 66 14.08 -35.39 -6.81
N GLY E 67 14.23 -34.48 -5.85
CA GLY E 67 15.47 -34.35 -5.12
C GLY E 67 16.49 -33.46 -5.78
N GLN E 68 16.05 -32.53 -6.64
CA GLN E 68 16.95 -31.62 -7.33
C GLN E 68 16.27 -30.26 -7.44
N SER E 69 17.06 -29.27 -7.85
CA SER E 69 16.56 -27.90 -8.01
C SER E 69 15.99 -27.71 -9.41
N PRO E 70 15.14 -26.70 -9.59
CA PRO E 70 14.58 -26.46 -10.93
C PRO E 70 15.67 -26.16 -11.95
N LYS E 71 15.42 -26.58 -13.18
CA LYS E 71 16.34 -26.35 -14.29
C LYS E 71 15.60 -25.62 -15.40
N LEU E 72 16.20 -24.53 -15.89
CA LEU E 72 15.58 -23.72 -16.93
C LEU E 72 15.63 -24.46 -18.26
N LEU E 73 14.46 -24.72 -18.84
CA LEU E 73 14.36 -25.38 -20.15
C LEU E 73 14.11 -24.38 -21.27
N ILE E 74 13.04 -23.60 -21.16
CA ILE E 74 12.63 -22.66 -22.21
C ILE E 74 12.39 -21.31 -21.57
N TYR E 75 12.82 -20.25 -22.26
CA TYR E 75 12.59 -18.88 -21.83
C TYR E 75 11.95 -18.10 -22.98
N TRP E 76 11.22 -17.05 -22.63
CA TRP E 76 10.46 -16.25 -23.59
C TRP E 76 9.36 -17.06 -24.26
N ALA E 77 9.15 -18.30 -23.81
CA ALA E 77 8.09 -19.16 -24.30
C ALA E 77 8.30 -19.58 -25.76
N SER E 78 9.38 -19.11 -26.39
CA SER E 78 9.65 -19.46 -27.77
C SER E 78 11.12 -19.85 -27.97
N THR E 79 12.00 -19.40 -27.08
CA THR E 79 13.43 -19.66 -27.20
C THR E 79 13.85 -20.73 -26.21
N ARG E 80 14.51 -21.77 -26.73
CA ARG E 80 14.95 -22.87 -25.89
C ARG E 80 16.35 -22.59 -25.34
N ALA E 81 16.58 -23.01 -24.11
CA ALA E 81 17.88 -22.77 -23.47
C ALA E 81 18.93 -23.71 -24.03
N SER E 82 20.19 -23.38 -23.77
CA SER E 82 21.30 -24.18 -24.25
C SER E 82 21.35 -25.52 -23.51
N GLY E 83 21.67 -26.58 -24.24
CA GLY E 83 21.77 -27.90 -23.67
C GLY E 83 20.45 -28.61 -23.47
N VAL E 84 19.33 -27.99 -23.81
CA VAL E 84 18.02 -28.60 -23.61
C VAL E 84 17.66 -29.40 -24.85
N PRO E 85 17.17 -30.64 -24.71
CA PRO E 85 16.76 -31.40 -25.90
C PRO E 85 15.71 -30.65 -26.71
N ASP E 86 15.67 -30.95 -28.01
CA ASP E 86 14.75 -30.24 -28.90
C ASP E 86 13.31 -30.70 -28.76
N ARG E 87 13.07 -31.84 -28.10
CA ARG E 87 11.71 -32.35 -27.98
C ARG E 87 10.81 -31.35 -27.27
N PHE E 88 11.36 -30.54 -26.37
CA PHE E 88 10.58 -29.53 -25.66
C PHE E 88 10.32 -28.35 -26.58
N THR E 89 9.05 -27.97 -26.74
CA THR E 89 8.66 -26.86 -27.59
C THR E 89 7.63 -26.01 -26.87
N GLY E 90 7.88 -24.70 -26.80
CA GLY E 90 6.98 -23.76 -26.17
C GLY E 90 6.33 -22.86 -27.21
N SER E 91 5.01 -22.71 -27.09
CA SER E 91 4.24 -21.88 -28.01
C SER E 91 3.13 -21.17 -27.22
N GLY E 92 2.36 -20.37 -27.93
CA GLY E 92 1.26 -19.64 -27.33
C GLY E 92 1.56 -18.15 -27.26
N SER E 93 0.58 -17.41 -26.72
CA SER E 93 0.70 -15.97 -26.64
C SER E 93 -0.43 -15.44 -25.75
N GLY E 94 -0.33 -14.16 -25.42
CA GLY E 94 -1.33 -13.52 -24.59
C GLY E 94 -1.41 -14.10 -23.20
N THR E 95 -2.50 -14.83 -22.91
CA THR E 95 -2.69 -15.47 -21.62
C THR E 95 -2.65 -16.98 -21.69
N ASP E 96 -2.59 -17.57 -22.89
CA ASP E 96 -2.58 -19.02 -23.06
C ASP E 96 -1.24 -19.44 -23.65
N PHE E 97 -0.53 -20.32 -22.93
CA PHE E 97 0.75 -20.85 -23.37
C PHE E 97 0.69 -22.37 -23.35
N THR E 98 1.58 -23.01 -24.12
CA THR E 98 1.58 -24.46 -24.27
C THR E 98 3.01 -24.97 -24.32
N LEU E 99 3.26 -26.07 -23.62
CA LEU E 99 4.55 -26.76 -23.64
C LEU E 99 4.31 -28.19 -24.11
N THR E 100 4.99 -28.58 -25.18
CA THR E 100 4.78 -29.87 -25.83
C THR E 100 6.08 -30.66 -25.85
N ILE E 101 5.98 -31.96 -25.64
CA ILE E 101 7.11 -32.89 -25.73
C ILE E 101 6.71 -33.95 -26.75
N ASN E 102 7.43 -33.99 -27.87
CA ASN E 102 7.07 -34.93 -28.94
C ASN E 102 7.34 -36.37 -28.53
N SER E 103 8.48 -36.62 -27.90
CA SER E 103 8.87 -37.98 -27.47
C SER E 103 9.38 -37.86 -26.04
N VAL E 104 8.48 -38.07 -25.07
CA VAL E 104 8.86 -37.99 -23.66
C VAL E 104 9.78 -39.16 -23.33
N GLN E 105 10.98 -38.85 -22.86
CA GLN E 105 11.94 -39.88 -22.48
C GLN E 105 11.76 -40.25 -21.02
N PRO E 106 12.17 -41.47 -20.63
CA PRO E 106 12.05 -41.85 -19.21
C PRO E 106 12.84 -40.93 -18.28
N GLU E 107 13.90 -40.32 -18.77
CA GLU E 107 14.66 -39.38 -17.95
C GLU E 107 13.94 -38.06 -17.76
N ASP E 108 12.88 -37.80 -18.53
CA ASP E 108 12.13 -36.56 -18.43
C ASP E 108 11.09 -36.58 -17.31
N LEU E 109 11.11 -37.58 -16.44
CA LEU E 109 10.13 -37.66 -15.36
C LEU E 109 10.47 -36.64 -14.29
N ALA E 110 9.81 -35.49 -14.34
CA ALA E 110 10.06 -34.41 -13.37
C ALA E 110 8.81 -33.55 -13.29
N VAL E 111 8.91 -32.45 -12.55
CA VAL E 111 7.82 -31.51 -12.37
C VAL E 111 8.11 -30.26 -13.19
N TYR E 112 7.13 -29.82 -13.97
CA TYR E 112 7.27 -28.65 -14.82
C TYR E 112 6.54 -27.46 -14.19
N TYR E 113 7.27 -26.37 -14.00
CA TYR E 113 6.73 -25.16 -13.38
C TYR E 113 6.78 -24.00 -14.37
N CYS E 114 5.70 -23.24 -14.43
CA CYS E 114 5.65 -22.02 -15.23
C CYS E 114 6.10 -20.85 -14.38
N HIS E 115 6.80 -19.90 -15.00
CA HIS E 115 7.33 -18.75 -14.28
C HIS E 115 7.19 -17.50 -15.14
N GLN E 116 6.80 -16.40 -14.51
CA GLN E 116 6.72 -15.11 -15.16
C GLN E 116 7.68 -14.14 -14.48
N TYR E 117 8.44 -13.38 -15.28
CA TYR E 117 9.43 -12.46 -14.74
C TYR E 117 9.32 -11.07 -15.36
N LEU E 118 8.13 -10.68 -15.83
CA LEU E 118 7.90 -9.31 -16.24
C LEU E 118 7.63 -8.43 -15.02
N SER E 119 6.57 -8.73 -14.29
CA SER E 119 6.26 -8.09 -13.02
C SER E 119 6.92 -8.91 -11.90
N ALA E 120 6.55 -8.65 -10.65
CA ALA E 120 7.08 -9.43 -9.54
C ALA E 120 7.02 -10.91 -9.85
N TRP E 121 8.07 -11.64 -9.43
CA TRP E 121 8.21 -13.03 -9.83
C TRP E 121 7.25 -13.92 -9.07
N THR E 122 6.62 -14.84 -9.78
CA THR E 122 5.69 -15.80 -9.21
C THR E 122 5.77 -17.11 -9.98
N PHE E 123 5.40 -18.20 -9.31
CA PHE E 123 5.42 -19.53 -9.88
C PHE E 123 4.03 -20.16 -9.81
N GLY E 124 3.80 -21.12 -10.70
CA GLY E 124 2.54 -21.82 -10.76
C GLY E 124 2.49 -22.99 -9.80
N GLY E 125 1.44 -23.81 -9.99
CA GLY E 125 1.27 -24.96 -9.12
C GLY E 125 2.18 -26.12 -9.47
N GLY E 126 2.45 -26.33 -10.75
CA GLY E 126 3.30 -27.41 -11.19
C GLY E 126 2.52 -28.56 -11.79
N THR E 127 3.11 -29.20 -12.80
CA THR E 127 2.50 -30.30 -13.52
C THR E 127 3.36 -31.55 -13.29
N LYS E 128 2.81 -32.52 -12.55
CA LYS E 128 3.52 -33.76 -12.27
C LYS E 128 3.32 -34.72 -13.45
N LEU E 129 4.42 -35.17 -14.04
CA LEU E 129 4.39 -36.06 -15.19
C LEU E 129 4.97 -37.41 -14.80
N GLU E 130 4.26 -38.47 -15.16
CA GLU E 130 4.67 -39.84 -14.88
C GLU E 130 4.76 -40.63 -16.17
N ILE E 131 5.57 -41.68 -16.17
CA ILE E 131 5.82 -42.50 -17.34
C ILE E 131 5.13 -43.85 -17.14
N LYS E 132 4.24 -44.20 -18.07
CA LYS E 132 3.58 -45.49 -18.03
C LYS E 132 4.45 -46.56 -18.69
N ARG E 133 4.27 -47.80 -18.23
CA ARG E 133 5.01 -48.93 -18.78
C ARG E 133 4.20 -50.20 -18.54
N THR E 134 4.78 -51.33 -18.97
CA THR E 134 4.13 -52.61 -18.79
C THR E 134 3.97 -52.92 -17.30
N VAL E 135 3.01 -53.80 -17.00
CA VAL E 135 2.72 -54.19 -15.62
C VAL E 135 3.80 -55.15 -15.14
N ALA E 136 4.67 -54.68 -14.24
CA ALA E 136 5.73 -55.51 -13.68
C ALA E 136 5.27 -56.03 -12.32
N ALA E 137 5.49 -57.33 -12.09
CA ALA E 137 5.08 -57.93 -10.83
C ALA E 137 6.03 -57.51 -9.71
N PRO E 138 5.52 -57.38 -8.48
CA PRO E 138 6.38 -56.93 -7.38
C PRO E 138 7.18 -58.08 -6.78
N SER E 139 8.42 -57.78 -6.40
CA SER E 139 9.24 -58.69 -5.62
C SER E 139 8.98 -58.41 -4.14
N VAL E 140 8.45 -59.40 -3.44
CA VAL E 140 7.97 -59.24 -2.07
C VAL E 140 9.02 -59.78 -1.10
N PHE E 141 9.23 -59.07 0.00
CA PHE E 141 10.13 -59.49 1.06
C PHE E 141 9.54 -59.09 2.41
N ILE E 142 9.91 -59.85 3.44
CA ILE E 142 9.42 -59.64 4.79
C ILE E 142 10.61 -59.62 5.73
N PHE E 143 10.59 -58.71 6.71
CA PHE E 143 11.66 -58.57 7.69
C PHE E 143 11.03 -58.40 9.07
N PRO E 144 11.13 -59.40 9.94
CA PRO E 144 10.61 -59.23 11.31
C PRO E 144 11.43 -58.21 12.07
N PRO E 145 10.94 -57.75 13.22
CA PRO E 145 11.71 -56.77 14.00
C PRO E 145 12.93 -57.40 14.65
N SER E 146 14.05 -56.71 14.55
CA SER E 146 15.30 -57.19 15.14
C SER E 146 15.22 -57.09 16.66
N ASP E 147 16.23 -57.67 17.32
CA ASP E 147 16.28 -57.62 18.78
C ASP E 147 16.48 -56.20 19.29
N GLU E 148 17.27 -55.39 18.57
CA GLU E 148 17.47 -54.02 18.99
C GLU E 148 16.16 -53.24 19.01
N GLN E 149 15.28 -53.51 18.05
CA GLN E 149 13.99 -52.83 18.02
C GLN E 149 13.05 -53.37 19.10
N LEU E 150 13.07 -54.69 19.31
CA LEU E 150 12.23 -55.30 20.34
C LEU E 150 12.67 -54.89 21.74
N LYS E 151 13.92 -54.47 21.91
CA LYS E 151 14.38 -54.04 23.23
C LYS E 151 13.58 -52.84 23.72
N SER E 152 13.36 -51.85 22.85
CA SER E 152 12.60 -50.67 23.24
C SER E 152 11.11 -50.96 23.38
N GLY E 153 10.62 -52.05 22.78
CA GLY E 153 9.22 -52.42 22.86
C GLY E 153 8.51 -52.45 21.53
N THR E 154 9.18 -52.13 20.43
CA THR E 154 8.57 -52.14 19.11
C THR E 154 8.74 -53.51 18.48
N ALA E 155 7.64 -54.07 17.97
CA ALA E 155 7.63 -55.38 17.33
C ALA E 155 6.86 -55.32 16.02
N SER E 156 7.15 -54.31 15.22
CA SER E 156 6.47 -54.09 13.94
C SER E 156 7.28 -54.71 12.82
N VAL E 157 6.66 -55.65 12.08
CA VAL E 157 7.32 -56.25 10.94
C VAL E 157 7.38 -55.23 9.80
N VAL E 158 8.24 -55.49 8.82
CA VAL E 158 8.44 -54.60 7.69
C VAL E 158 8.24 -55.42 6.41
N CYS E 159 7.23 -55.07 5.62
CA CYS E 159 6.98 -55.72 4.34
C CYS E 159 7.41 -54.78 3.23
N LEU E 160 8.06 -55.33 2.20
CA LEU E 160 8.61 -54.54 1.11
C LEU E 160 8.20 -55.15 -0.22
N LEU E 161 7.83 -54.30 -1.17
CA LEU E 161 7.42 -54.71 -2.52
C LEU E 161 8.20 -53.85 -3.51
N ASN E 162 9.24 -54.42 -4.11
CA ASN E 162 10.05 -53.69 -5.07
C ASN E 162 9.55 -53.92 -6.49
N ASN E 163 9.77 -52.91 -7.35
CA ASN E 163 9.47 -53.02 -8.78
C ASN E 163 7.97 -53.18 -9.04
N PHE E 164 7.14 -52.57 -8.20
CA PHE E 164 5.70 -52.62 -8.41
C PHE E 164 5.25 -51.40 -9.23
N TYR E 165 4.85 -51.65 -10.48
CA TYR E 165 4.52 -50.55 -11.38
C TYR E 165 3.22 -49.88 -10.93
N PRO E 166 2.12 -50.61 -10.75
CA PRO E 166 0.94 -50.00 -10.14
C PRO E 166 1.26 -49.39 -8.79
N ARG E 167 0.87 -48.14 -8.60
CA ARG E 167 1.12 -47.47 -7.34
C ARG E 167 0.35 -48.08 -6.18
N GLU E 168 -0.84 -48.63 -6.44
CA GLU E 168 -1.67 -49.24 -5.41
C GLU E 168 -1.34 -50.73 -5.33
N ALA E 169 -0.86 -51.18 -4.17
CA ALA E 169 -0.53 -52.57 -3.96
C ALA E 169 -1.65 -53.29 -3.20
N ASN E 183 -3.27 -49.01 12.31
CA ASN E 183 -2.01 -48.90 13.05
C ASN E 183 -0.80 -49.10 12.14
N SER E 184 -1.06 -49.47 10.88
CA SER E 184 -0.01 -49.71 9.90
C SER E 184 0.17 -48.47 9.02
N GLN E 185 1.42 -48.21 8.65
CA GLN E 185 1.76 -47.06 7.82
C GLN E 185 2.56 -47.53 6.61
N GLU E 186 2.27 -46.92 5.46
CA GLU E 186 2.91 -47.28 4.20
C GLU E 186 3.65 -46.08 3.63
N SER E 187 4.64 -46.38 2.78
CA SER E 187 5.45 -45.36 2.13
C SER E 187 5.86 -45.87 0.76
N VAL E 188 5.64 -45.04 -0.26
CA VAL E 188 5.96 -45.39 -1.65
C VAL E 188 7.06 -44.45 -2.15
N THR E 189 8.00 -45.00 -2.90
CA THR E 189 9.08 -44.21 -3.47
C THR E 189 8.63 -43.53 -4.76
N GLU E 190 9.26 -42.40 -5.06
CA GLU E 190 8.95 -41.70 -6.30
C GLU E 190 9.38 -42.55 -7.50
N GLN E 191 8.64 -42.39 -8.60
CA GLN E 191 8.91 -43.17 -9.81
C GLN E 191 10.32 -42.88 -10.32
N ASP E 192 11.20 -43.87 -10.26
CA ASP E 192 12.57 -43.69 -10.70
C ASP E 192 12.62 -43.40 -12.19
N SER E 193 13.64 -42.65 -12.60
CA SER E 193 13.82 -42.27 -14.00
C SER E 193 14.64 -43.28 -14.79
N LYS E 194 14.94 -44.45 -14.21
CA LYS E 194 15.70 -45.49 -14.89
C LYS E 194 14.88 -46.73 -15.20
N ASP E 195 13.90 -47.05 -14.37
CA ASP E 195 13.04 -48.22 -14.61
C ASP E 195 11.55 -47.90 -14.56
N SER E 196 11.13 -46.78 -13.98
CA SER E 196 9.73 -46.36 -13.99
C SER E 196 8.85 -47.28 -13.15
N THR E 197 9.44 -48.01 -12.22
CA THR E 197 8.71 -48.88 -11.32
C THR E 197 8.80 -48.38 -9.89
N TYR E 198 7.66 -48.38 -9.21
CA TYR E 198 7.58 -47.89 -7.84
C TYR E 198 8.05 -48.97 -6.87
N SER E 199 8.19 -48.59 -5.61
CA SER E 199 8.53 -49.51 -4.53
C SER E 199 7.78 -49.09 -3.28
N LEU E 200 7.20 -50.07 -2.58
CA LEU E 200 6.35 -49.81 -1.44
C LEU E 200 6.91 -50.49 -0.20
N SER E 201 6.72 -49.85 0.95
CA SER E 201 7.10 -50.41 2.24
C SER E 201 5.96 -50.19 3.22
N SER E 202 5.71 -51.19 4.07
CA SER E 202 4.63 -51.12 5.04
C SER E 202 5.13 -51.63 6.38
N THR E 203 4.78 -50.90 7.44
CA THR E 203 5.16 -51.26 8.80
C THR E 203 3.94 -51.21 9.71
N LEU E 204 4.03 -51.90 10.83
CA LEU E 204 2.94 -51.94 11.80
C LEU E 204 3.13 -50.85 12.85
C15 V6X F . -48.73 4.44 26.52
C20 V6X F . -46.81 5.60 22.95
C21 V6X F . -45.55 6.11 22.69
C22 V6X F . -44.82 6.77 23.73
C24 V6X F . -44.49 7.57 25.82
C01 V6X F . -52.24 6.92 26.26
C02 V6X F . -50.99 6.03 26.35
C03 V6X F . -51.12 4.66 26.44
C04 V6X F . -52.51 4.02 26.44
C05 V6X F . -53.08 3.60 27.64
C06 V6X F . -52.30 3.77 28.95
C08 V6X F . -54.94 2.90 26.52
C09 V6X F . -54.36 3.33 25.29
C11 V6X F . -53.97 3.80 23.20
C12 V6X F . -52.88 4.19 23.97
C14 V6X F . -49.99 3.85 26.52
C16 V6X F . -48.60 5.82 26.42
C18 V6X F . -46.73 6.31 25.16
C23 V6X F . -45.44 6.86 24.96
C25 V6X F . -43.38 7.83 24.98
C27 V6X F . -49.73 6.61 26.35
N07 V6X F . -54.29 3.04 27.66
N10 V6X F . -54.87 3.27 24.02
N13 V6X F . -53.18 3.88 25.26
N19 V6X F . -47.37 5.70 24.17
O17 V6X F . -47.33 6.42 26.42
O26 V6X F . -43.63 7.36 23.79
#